data_2P5V
#
_entry.id   2P5V
#
_cell.length_a   65.070
_cell.length_b   148.480
_cell.length_c   77.720
_cell.angle_alpha   90.00
_cell.angle_beta   106.41
_cell.angle_gamma   90.00
#
_symmetry.space_group_name_H-M   'P 1 21 1'
#
loop_
_entity.id
_entity.type
_entity.pdbx_description
1 polymer 'Transcriptional regulator, LRP/AsnC family'
2 non-polymer 'CALCIUM ION'
3 non-polymer 'CHLORIDE ION'
4 non-polymer GLYCEROL
5 water water
#
_entity_poly.entity_id   1
_entity_poly.type   'polypeptide(L)'
_entity_poly.pdbx_seq_one_letter_code
;GP(MSE)PQLTLDKTDIKILQVLQENGRLTNVELSERVALSPSPCLRRLKQLEDAGIVRQYAALLSPESVNLGLQAFIRV
SIRKAKDAREDFAASVRKWPEVLSCFALTGETDYLLQAFFTD(MSE)NAFSHFVLDTLLSHHGVQDAQSSFVLKEIKHTT
SLPLNHLLKE
;
_entity_poly.pdbx_strand_id   A,B,C,D,E,F,G,H
#
loop_
_chem_comp.id
_chem_comp.type
_chem_comp.name
_chem_comp.formula
CA non-polymer 'CALCIUM ION' 'Ca 2'
CL non-polymer 'CHLORIDE ION' 'Cl -1'
GOL non-polymer GLYCEROL 'C3 H8 O3'
#
# COMPACT_ATOMS: atom_id res chain seq x y z
N GLN A 5 -0.63 29.89 -35.18
CA GLN A 5 -1.70 28.93 -34.78
C GLN A 5 -2.93 29.12 -35.68
N LEU A 6 -3.50 28.00 -36.14
CA LEU A 6 -4.69 28.05 -36.99
C LEU A 6 -5.96 28.31 -36.18
N THR A 7 -6.95 28.92 -36.82
CA THR A 7 -8.27 29.06 -36.24
C THR A 7 -9.12 27.97 -36.88
N LEU A 8 -9.55 27.03 -36.05
CA LEU A 8 -10.37 25.91 -36.50
C LEU A 8 -11.85 26.25 -36.40
N ASP A 9 -12.61 26.02 -37.48
CA ASP A 9 -14.07 26.21 -37.46
C ASP A 9 -14.83 24.89 -37.53
N LYS A 10 -16.15 24.98 -37.48
CA LYS A 10 -17.06 23.84 -37.67
C LYS A 10 -16.54 22.84 -38.70
N THR A 11 -16.20 23.34 -39.88
CA THR A 11 -15.74 22.52 -41.01
C THR A 11 -14.39 21.83 -40.77
N ASP A 12 -13.47 22.53 -40.12
CA ASP A 12 -12.16 21.95 -39.77
C ASP A 12 -12.32 20.82 -38.76
N ILE A 13 -13.20 21.02 -37.78
CA ILE A 13 -13.51 19.99 -36.80
C ILE A 13 -14.10 18.75 -37.47
N LYS A 14 -15.06 18.97 -38.38
CA LYS A 14 -15.67 17.90 -39.15
C LYS A 14 -14.61 17.12 -39.93
N ILE A 15 -13.67 17.83 -40.55
CA ILE A 15 -12.58 17.17 -41.27
C ILE A 15 -11.79 16.25 -40.35
N LEU A 16 -11.44 16.75 -39.17
CA LEU A 16 -10.65 16.00 -38.19
C LEU A 16 -11.44 14.81 -37.66
N GLN A 17 -12.73 15.01 -37.43
CA GLN A 17 -13.62 13.91 -36.98
C GLN A 17 -13.70 12.81 -38.02
N VAL A 18 -13.91 13.22 -39.27
CA VAL A 18 -14.01 12.28 -40.38
C VAL A 18 -12.72 11.46 -40.53
N LEU A 19 -11.56 12.14 -40.54
CA LEU A 19 -10.26 11.45 -40.73
C LEU A 19 -9.77 10.63 -39.53
N GLN A 20 -10.07 11.09 -38.31
CA GLN A 20 -9.78 10.28 -37.13
C GLN A 20 -10.45 8.89 -37.21
N GLU A 21 -11.61 8.83 -37.84
CA GLU A 21 -12.32 7.57 -38.00
C GLU A 21 -11.94 6.86 -39.29
N ASN A 22 -11.63 7.62 -40.34
CA ASN A 22 -11.38 7.11 -41.67
C ASN A 22 -10.14 7.78 -42.25
N GLY A 23 -8.98 7.30 -41.84
CA GLY A 23 -7.71 7.93 -42.21
C GLY A 23 -7.28 7.82 -43.65
N ARG A 24 -7.93 6.96 -44.43
CA ARG A 24 -7.48 6.66 -45.79
C ARG A 24 -8.49 7.15 -46.86
N LEU A 25 -9.37 8.07 -46.48
CA LEU A 25 -10.30 8.66 -47.44
C LEU A 25 -9.52 9.42 -48.48
N THR A 26 -9.88 9.28 -49.76
CA THR A 26 -9.22 10.10 -50.80
C THR A 26 -9.70 11.54 -50.61
N ASN A 27 -9.02 12.51 -51.25
CA ASN A 27 -9.44 13.89 -51.10
C ASN A 27 -10.86 14.05 -51.61
N VAL A 28 -11.18 13.38 -52.71
CA VAL A 28 -12.53 13.47 -53.29
C VAL A 28 -13.57 12.97 -52.29
N GLU A 29 -13.31 11.81 -51.69
CA GLU A 29 -14.21 11.25 -50.68
C GLU A 29 -14.32 12.16 -49.45
N LEU A 30 -13.19 12.75 -49.06
CA LEU A 30 -13.16 13.65 -47.90
C LEU A 30 -13.96 14.90 -48.19
N SER A 31 -13.67 15.50 -49.34
CA SER A 31 -14.29 16.74 -49.78
C SER A 31 -15.79 16.56 -49.92
N GLU A 32 -16.20 15.38 -50.40
CA GLU A 32 -17.61 15.06 -50.53
C GLU A 32 -18.39 15.18 -49.22
N ARG A 33 -17.80 14.82 -48.08
CA ARG A 33 -18.56 14.87 -46.80
C ARG A 33 -18.34 16.09 -45.88
N VAL A 34 -17.45 17.02 -46.23
CA VAL A 34 -17.13 18.13 -45.30
C VAL A 34 -17.63 19.52 -45.68
N ALA A 35 -18.23 19.67 -46.85
CA ALA A 35 -18.72 21.00 -47.28
C ALA A 35 -17.57 21.95 -47.67
N LEU A 36 -16.55 21.39 -48.32
CA LEU A 36 -15.53 22.16 -49.01
C LEU A 36 -15.36 21.52 -50.38
N SER A 37 -15.21 22.34 -51.41
CA SER A 37 -14.83 21.86 -52.72
C SER A 37 -13.48 21.17 -52.61
N PRO A 38 -13.14 20.32 -53.61
CA PRO A 38 -11.90 19.52 -53.48
C PRO A 38 -10.60 20.33 -53.34
N SER A 39 -10.48 21.44 -54.05
CA SER A 39 -9.27 22.27 -53.97
C SER A 39 -9.04 22.87 -52.56
N PRO A 40 -10.04 23.62 -52.02
CA PRO A 40 -9.91 24.12 -50.65
C PRO A 40 -9.77 23.04 -49.57
N CYS A 41 -10.36 21.88 -49.82
CA CYS A 41 -10.24 20.74 -48.91
C CYS A 41 -8.80 20.24 -48.87
N LEU A 42 -8.22 20.05 -50.04
CA LEU A 42 -6.82 19.62 -50.14
C LEU A 42 -5.91 20.60 -49.39
N ARG A 43 -6.11 21.89 -49.64
CA ARG A 43 -5.28 22.93 -49.05
C ARG A 43 -5.42 22.92 -47.51
N ARG A 44 -6.66 22.84 -47.04
CA ARG A 44 -6.92 22.94 -45.61
C ARG A 44 -6.32 21.76 -44.84
N LEU A 45 -6.40 20.56 -45.43
CA LEU A 45 -5.84 19.36 -44.80
C LEU A 45 -4.32 19.47 -44.65
N LYS A 46 -3.65 20.02 -45.67
CA LYS A 46 -2.21 20.23 -45.58
C LYS A 46 -1.87 21.27 -44.51
N GLN A 47 -2.69 22.31 -44.38
CA GLN A 47 -2.53 23.25 -43.29
C GLN A 47 -2.65 22.56 -41.93
N LEU A 48 -3.62 21.65 -41.81
CA LEU A 48 -3.86 20.93 -40.54
C LEU A 48 -2.68 20.02 -40.21
N GLU A 49 -2.13 19.40 -41.23
CA GLU A 49 -0.91 18.60 -41.09
C GLU A 49 0.27 19.48 -40.74
N ASP A 50 0.49 20.53 -41.53
CA ASP A 50 1.65 21.39 -41.36
C ASP A 50 1.67 22.10 -40.00
N ALA A 51 0.49 22.32 -39.43
CA ALA A 51 0.35 22.91 -38.09
C ALA A 51 0.63 21.91 -36.98
N GLY A 52 0.82 20.64 -37.32
CA GLY A 52 0.99 19.57 -36.33
C GLY A 52 -0.30 19.11 -35.65
N ILE A 53 -1.46 19.48 -36.19
CA ILE A 53 -2.74 19.05 -35.62
C ILE A 53 -2.97 17.58 -35.98
N VAL A 54 -2.88 17.28 -37.27
CA VAL A 54 -2.72 15.90 -37.75
C VAL A 54 -1.22 15.55 -37.65
N ARG A 55 -0.86 14.67 -36.74
CA ARG A 55 0.56 14.35 -36.55
C ARG A 55 0.94 13.09 -37.33
N GLN A 56 -0.04 12.27 -37.69
CA GLN A 56 0.20 10.99 -38.37
C GLN A 56 -1.07 10.32 -38.90
N TYR A 57 -0.92 9.59 -40.01
CA TYR A 57 -1.93 8.62 -40.43
C TYR A 57 -1.38 7.23 -40.18
N ALA A 58 -2.20 6.38 -39.58
CA ALA A 58 -1.80 5.04 -39.21
C ALA A 58 -2.84 4.00 -39.59
N ALA A 59 -2.36 2.90 -40.19
CA ALA A 59 -3.06 1.63 -40.14
C ALA A 59 -2.98 1.10 -38.70
N LEU A 60 -4.13 0.75 -38.15
CA LEU A 60 -4.21 0.16 -36.83
C LEU A 60 -4.47 -1.33 -36.98
N LEU A 61 -3.68 -2.14 -36.28
CA LEU A 61 -3.77 -3.59 -36.43
C LEU A 61 -4.43 -4.25 -35.25
N SER A 62 -4.97 -5.43 -35.50
CA SER A 62 -5.48 -6.28 -34.43
C SER A 62 -4.30 -7.04 -33.80
N PRO A 63 -4.09 -6.88 -32.48
CA PRO A 63 -2.97 -7.59 -31.84
C PRO A 63 -3.06 -9.11 -31.94
N GLU A 64 -4.27 -9.63 -31.78
CA GLU A 64 -4.51 -11.05 -31.78
C GLU A 64 -4.28 -11.61 -33.18
N SER A 65 -4.63 -10.83 -34.20
CA SER A 65 -4.36 -11.25 -35.60
C SER A 65 -2.86 -11.47 -35.89
N VAL A 66 -1.98 -10.85 -35.12
CA VAL A 66 -0.53 -10.97 -35.33
C VAL A 66 0.14 -11.60 -34.13
N ASN A 67 -0.60 -12.47 -33.44
CA ASN A 67 -0.07 -13.28 -32.34
C ASN A 67 0.52 -12.46 -31.20
N LEU A 68 -0.11 -11.32 -30.91
CA LEU A 68 0.23 -10.54 -29.71
C LEU A 68 -0.94 -10.65 -28.75
N GLY A 69 -0.97 -11.77 -28.03
CA GLY A 69 -2.05 -12.07 -27.09
C GLY A 69 -1.85 -11.50 -25.69
N LEU A 70 -0.67 -10.96 -25.41
CA LEU A 70 -0.41 -10.41 -24.10
C LEU A 70 -0.14 -8.91 -24.17
N GLN A 71 -1.04 -8.15 -23.55
CA GLN A 71 -0.88 -6.72 -23.37
C GLN A 71 -0.61 -6.39 -21.89
N ALA A 72 0.47 -5.65 -21.68
CA ALA A 72 0.98 -5.36 -20.36
C ALA A 72 1.01 -3.86 -20.07
N PHE A 73 0.65 -3.54 -18.83
CA PHE A 73 0.88 -2.21 -18.29
C PHE A 73 1.99 -2.38 -17.26
N ILE A 74 3.11 -1.72 -17.49
CA ILE A 74 4.28 -1.92 -16.67
C ILE A 74 4.55 -0.65 -15.92
N ARG A 75 4.45 -0.72 -14.59
CA ARG A 75 4.76 0.38 -13.71
C ARG A 75 6.23 0.32 -13.31
N VAL A 76 7.01 1.26 -13.80
CA VAL A 76 8.47 1.27 -13.57
C VAL A 76 8.91 2.35 -12.59
N SER A 77 9.74 1.94 -11.63
CA SER A 77 10.42 2.86 -10.74
C SER A 77 11.84 3.08 -11.22
N ILE A 78 12.19 4.34 -11.42
CA ILE A 78 13.49 4.74 -11.94
C ILE A 78 14.46 4.90 -10.77
N ARG A 79 15.74 4.61 -10.99
CA ARG A 79 16.76 4.88 -9.98
C ARG A 79 17.03 6.37 -9.90
N LYS A 80 17.29 6.82 -8.69
CA LYS A 80 17.70 8.19 -8.44
C LYS A 80 19.22 8.25 -8.63
N ALA A 81 19.63 8.32 -9.89
CA ALA A 81 21.03 8.49 -10.26
C ALA A 81 21.07 9.46 -11.42
N LYS A 82 22.22 10.05 -11.67
CA LYS A 82 22.33 10.97 -12.80
C LYS A 82 22.13 10.19 -14.11
N ASP A 83 21.36 10.77 -15.02
CA ASP A 83 21.12 10.22 -16.37
C ASP A 83 20.13 9.05 -16.41
N ALA A 84 19.63 8.60 -15.27
CA ALA A 84 18.76 7.43 -15.23
C ALA A 84 17.52 7.62 -16.12
N ARG A 85 16.80 8.73 -15.93
CA ARG A 85 15.61 9.04 -16.72
C ARG A 85 15.89 9.21 -18.20
N GLU A 86 16.98 9.88 -18.50
CA GLU A 86 17.34 10.16 -19.89
C GLU A 86 17.76 8.88 -20.60
N ASP A 87 18.57 8.06 -19.93
CA ASP A 87 19.01 6.78 -20.48
C ASP A 87 17.83 5.83 -20.62
N PHE A 88 16.94 5.85 -19.64
CA PHE A 88 15.74 5.03 -19.72
C PHE A 88 14.87 5.45 -20.90
N ALA A 89 14.69 6.76 -21.07
CA ALA A 89 13.83 7.28 -22.15
C ALA A 89 14.39 6.87 -23.49
N ALA A 90 15.71 7.00 -23.65
CA ALA A 90 16.39 6.63 -24.88
C ALA A 90 16.21 5.15 -25.19
N SER A 91 16.27 4.30 -24.16
CA SER A 91 16.15 2.87 -24.33
C SER A 91 14.73 2.47 -24.68
N VAL A 92 13.75 2.95 -23.90
CA VAL A 92 12.33 2.73 -24.16
C VAL A 92 11.94 3.03 -25.62
N ARG A 93 12.49 4.10 -26.17
CA ARG A 93 12.16 4.51 -27.53
C ARG A 93 12.67 3.51 -28.59
N LYS A 94 13.65 2.69 -28.22
CA LYS A 94 14.20 1.67 -29.10
C LYS A 94 13.70 0.25 -28.78
N TRP A 95 12.76 0.12 -27.84
CA TRP A 95 12.12 -1.16 -27.54
C TRP A 95 10.77 -1.30 -28.27
N PRO A 96 10.72 -2.10 -29.35
CA PRO A 96 9.53 -2.20 -30.19
C PRO A 96 8.27 -2.74 -29.50
N GLU A 97 8.45 -3.62 -28.53
CA GLU A 97 7.30 -4.14 -27.77
C GLU A 97 6.60 -3.07 -26.97
N VAL A 98 7.30 -1.97 -26.66
CA VAL A 98 6.75 -0.89 -25.88
C VAL A 98 6.20 0.19 -26.80
N LEU A 99 4.87 0.37 -26.76
CA LEU A 99 4.16 1.33 -27.62
C LEU A 99 4.11 2.72 -27.01
N SER A 100 3.87 2.78 -25.70
CA SER A 100 3.69 4.04 -24.98
C SER A 100 4.52 4.03 -23.72
N CYS A 101 5.03 5.19 -23.35
CA CYS A 101 5.69 5.37 -22.06
C CYS A 101 5.36 6.77 -21.56
N PHE A 102 4.83 6.86 -20.33
CA PHE A 102 4.49 8.15 -19.76
C PHE A 102 5.06 8.28 -18.36
N ALA A 103 5.77 9.38 -18.12
CA ALA A 103 6.08 9.80 -16.77
C ALA A 103 4.76 10.29 -16.19
N LEU A 104 4.42 9.82 -14.99
CA LEU A 104 3.12 10.11 -14.36
C LEU A 104 3.26 10.77 -12.99
N THR A 105 2.16 11.32 -12.48
CA THR A 105 2.13 12.13 -11.25
C THR A 105 2.02 11.38 -9.91
N GLY A 106 1.66 10.11 -9.93
CA GLY A 106 1.48 9.36 -8.69
C GLY A 106 2.71 8.61 -8.29
N GLU A 107 2.50 7.44 -7.68
CA GLU A 107 3.60 6.64 -7.13
C GLU A 107 4.39 5.92 -8.21
N THR A 108 3.76 5.65 -9.35
CA THR A 108 4.45 5.04 -10.48
C THR A 108 5.16 6.13 -11.26
N ASP A 109 6.48 5.99 -11.39
CA ASP A 109 7.30 6.97 -12.11
C ASP A 109 7.02 6.96 -13.61
N TYR A 110 7.02 5.78 -14.20
CA TYR A 110 6.71 5.61 -15.62
C TYR A 110 5.75 4.46 -15.81
N LEU A 111 4.75 4.68 -16.65
CA LEU A 111 3.83 3.66 -17.07
C LEU A 111 4.13 3.31 -18.52
N LEU A 112 4.35 2.03 -18.77
CA LEU A 112 4.63 1.50 -20.11
C LEU A 112 3.47 0.65 -20.56
N GLN A 113 3.12 0.75 -21.84
CA GLN A 113 2.12 -0.10 -22.46
C GLN A 113 2.86 -0.89 -23.52
N ALA A 114 2.82 -2.21 -23.40
CA ALA A 114 3.62 -3.10 -24.22
C ALA A 114 2.82 -4.31 -24.68
N PHE A 115 3.21 -4.88 -25.83
CA PHE A 115 2.59 -6.09 -26.37
C PHE A 115 3.60 -7.19 -26.52
N PHE A 116 3.15 -8.40 -26.19
CA PHE A 116 3.96 -9.61 -26.30
C PHE A 116 3.08 -10.74 -26.80
N THR A 117 3.73 -11.77 -27.27
CA THR A 117 3.05 -12.98 -27.74
C THR A 117 2.48 -13.76 -26.56
N ASP A 118 3.26 -13.88 -25.50
CA ASP A 118 2.90 -14.68 -24.34
C ASP A 118 3.76 -14.32 -23.12
N MSE A 119 3.46 -14.93 -21.97
CA MSE A 119 4.17 -14.63 -20.72
C MSE A 119 5.67 -14.94 -20.81
O MSE A 119 6.49 -14.29 -20.16
CB MSE A 119 3.62 -15.46 -19.57
CG MSE A 119 2.92 -14.73 -18.47
SE MSE A 119 3.66 -13.03 -17.86
CE MSE A 119 1.85 -12.26 -17.68
N ASN A 120 6.01 -15.98 -21.55
CA ASN A 120 7.39 -16.34 -21.74
C ASN A 120 8.16 -15.20 -22.41
N ALA A 121 7.57 -14.61 -23.46
CA ALA A 121 8.18 -13.47 -24.14
C ALA A 121 8.26 -12.30 -23.17
N PHE A 122 7.16 -12.04 -22.46
CA PHE A 122 7.15 -11.00 -21.42
C PHE A 122 8.27 -11.16 -20.43
N SER A 123 8.48 -12.40 -19.98
CA SER A 123 9.49 -12.71 -19.00
C SER A 123 10.90 -12.44 -19.52
N HIS A 124 11.21 -12.89 -20.74
CA HIS A 124 12.51 -12.60 -21.34
C HIS A 124 12.78 -11.11 -21.37
N PHE A 125 11.80 -10.32 -21.78
CA PHE A 125 11.93 -8.87 -21.83
C PHE A 125 12.14 -8.23 -20.45
N VAL A 126 11.27 -8.57 -19.50
CA VAL A 126 11.36 -8.03 -18.14
C VAL A 126 12.72 -8.37 -17.51
N LEU A 127 13.07 -9.65 -17.52
CA LEU A 127 14.28 -10.12 -16.85
C LEU A 127 15.58 -9.74 -17.57
N ASP A 128 15.61 -9.88 -18.89
CA ASP A 128 16.84 -9.68 -19.65
C ASP A 128 17.03 -8.24 -20.10
N THR A 129 15.94 -7.47 -20.27
CA THR A 129 16.06 -6.12 -20.82
C THR A 129 15.63 -4.99 -19.87
N LEU A 130 14.45 -5.11 -19.28
CA LEU A 130 13.91 -4.00 -18.48
C LEU A 130 14.61 -3.91 -17.13
N LEU A 131 14.49 -4.96 -16.31
CA LEU A 131 15.06 -4.96 -14.96
C LEU A 131 16.59 -4.89 -14.94
N SER A 132 17.23 -5.29 -16.04
CA SER A 132 18.68 -5.18 -16.14
C SER A 132 19.18 -3.84 -16.68
N HIS A 133 18.26 -2.95 -17.08
CA HIS A 133 18.63 -1.58 -17.45
C HIS A 133 19.12 -0.85 -16.19
N HIS A 134 20.27 -0.19 -16.30
CA HIS A 134 20.91 0.46 -15.13
C HIS A 134 20.05 1.57 -14.50
N GLY A 135 19.19 2.19 -15.29
CA GLY A 135 18.30 3.23 -14.77
C GLY A 135 17.07 2.72 -14.04
N VAL A 136 16.80 1.43 -14.10
CA VAL A 136 15.55 0.86 -13.60
C VAL A 136 15.77 0.28 -12.20
N GLN A 137 15.05 0.84 -11.24
CA GLN A 137 15.08 0.39 -9.85
C GLN A 137 14.16 -0.82 -9.69
N ASP A 138 12.94 -0.72 -10.19
CA ASP A 138 12.03 -1.86 -10.14
C ASP A 138 10.91 -1.72 -11.15
N ALA A 139 10.23 -2.84 -11.38
CA ALA A 139 9.05 -2.86 -12.23
C ALA A 139 8.01 -3.79 -11.63
N GLN A 140 6.75 -3.43 -11.80
CA GLN A 140 5.64 -4.34 -11.54
C GLN A 140 4.60 -4.15 -12.62
N SER A 141 3.91 -5.23 -12.97
CA SER A 141 3.11 -5.24 -14.18
C SER A 141 1.73 -5.82 -13.97
N SER A 142 0.82 -5.37 -14.83
CA SER A 142 -0.53 -5.85 -14.85
C SER A 142 -0.85 -6.13 -16.30
N PHE A 143 -1.86 -6.96 -16.53
CA PHE A 143 -2.17 -7.43 -17.88
C PHE A 143 -3.65 -7.28 -18.17
N VAL A 144 -3.95 -7.07 -19.45
CA VAL A 144 -5.32 -6.93 -19.93
C VAL A 144 -6.08 -8.27 -19.91
N LEU A 145 -7.17 -8.29 -19.13
CA LEU A 145 -8.13 -9.37 -19.12
C LEU A 145 -9.20 -9.19 -20.18
N LYS A 146 -9.55 -7.93 -20.45
CA LYS A 146 -10.57 -7.62 -21.44
C LYS A 146 -10.46 -6.16 -21.86
N GLU A 147 -10.54 -5.92 -23.17
CA GLU A 147 -10.57 -4.57 -23.72
C GLU A 147 -12.02 -4.14 -23.83
N ILE A 148 -12.37 -3.11 -23.07
CA ILE A 148 -13.73 -2.57 -23.08
C ILE A 148 -13.89 -1.53 -24.19
N LYS A 149 -12.87 -0.70 -24.37
CA LYS A 149 -12.88 0.37 -25.36
C LYS A 149 -11.45 0.66 -25.77
N HIS A 150 -11.21 0.94 -27.05
CA HIS A 150 -9.89 1.37 -27.49
C HIS A 150 -10.03 2.12 -28.79
N THR A 151 -9.98 3.45 -28.72
CA THR A 151 -9.99 4.28 -29.93
C THR A 151 -8.85 5.26 -29.85
N THR A 152 -8.41 5.74 -31.02
CA THR A 152 -7.35 6.73 -31.09
C THR A 152 -7.95 8.13 -31.26
N SER A 153 -9.26 8.19 -31.40
CA SER A 153 -9.94 9.42 -31.72
C SER A 153 -10.05 10.26 -30.47
N LEU A 154 -9.54 11.49 -30.54
CA LEU A 154 -9.68 12.43 -29.45
C LEU A 154 -11.06 13.07 -29.50
N PRO A 155 -11.61 13.43 -28.35
CA PRO A 155 -12.86 14.19 -28.34
C PRO A 155 -12.61 15.61 -28.88
N LEU A 156 -13.48 16.11 -29.73
CA LEU A 156 -13.30 17.45 -30.31
C LEU A 156 -14.48 18.38 -30.06
N ASN A 157 -15.47 17.91 -29.32
CA ASN A 157 -16.72 18.66 -29.14
C ASN A 157 -16.54 20.00 -28.40
N HIS A 158 -15.57 20.02 -27.48
CA HIS A 158 -15.22 21.21 -26.74
C HIS A 158 -14.80 22.37 -27.64
N LEU A 159 -14.29 22.06 -28.84
CA LEU A 159 -13.87 23.10 -29.79
C LEU A 159 -15.03 23.76 -30.55
N LEU A 160 -16.21 23.15 -30.50
CA LEU A 160 -17.39 23.67 -31.23
C LEU A 160 -18.16 24.73 -30.43
N GLN B 5 -6.23 -19.05 -42.03
CA GLN B 5 -5.58 -17.71 -41.93
C GLN B 5 -4.56 -17.48 -43.06
N LEU B 6 -3.99 -16.27 -43.11
CA LEU B 6 -2.94 -15.94 -44.07
C LEU B 6 -1.57 -16.37 -43.57
N THR B 7 -0.67 -16.62 -44.53
CA THR B 7 0.75 -16.86 -44.24
C THR B 7 1.52 -15.59 -44.61
N LEU B 8 2.11 -14.93 -43.62
CA LEU B 8 2.78 -13.64 -43.85
C LEU B 8 4.30 -13.78 -44.02
N ASP B 9 4.84 -13.17 -45.08
CA ASP B 9 6.30 -13.13 -45.34
C ASP B 9 6.87 -11.72 -45.13
N LYS B 10 8.18 -11.55 -45.39
CA LYS B 10 8.85 -10.24 -45.27
C LYS B 10 8.03 -9.13 -45.89
N THR B 11 7.56 -9.36 -47.11
CA THR B 11 6.86 -8.33 -47.89
C THR B 11 5.55 -7.88 -47.24
N ASP B 12 4.79 -8.85 -46.75
CA ASP B 12 3.53 -8.58 -46.04
C ASP B 12 3.79 -7.80 -44.77
N ILE B 13 4.82 -8.20 -44.04
CA ILE B 13 5.21 -7.51 -42.82
C ILE B 13 5.60 -6.10 -43.19
N LYS B 14 6.42 -5.95 -44.24
CA LYS B 14 6.82 -4.61 -44.68
C LYS B 14 5.61 -3.74 -45.05
N ILE B 15 4.65 -4.32 -45.78
CA ILE B 15 3.36 -3.63 -46.07
C ILE B 15 2.73 -3.12 -44.77
N LEU B 16 2.68 -3.99 -43.78
CA LEU B 16 2.10 -3.66 -42.48
C LEU B 16 2.95 -2.63 -41.70
N GLN B 17 4.28 -2.79 -41.71
CA GLN B 17 5.18 -1.85 -41.02
C GLN B 17 5.00 -0.43 -41.62
N VAL B 18 4.97 -0.36 -42.95
CA VAL B 18 4.85 0.89 -43.68
C VAL B 18 3.50 1.58 -43.46
N LEU B 19 2.41 0.82 -43.52
CA LEU B 19 1.08 1.40 -43.31
C LEU B 19 0.81 1.80 -41.85
N GLN B 20 1.42 1.10 -40.90
CA GLN B 20 1.28 1.49 -39.50
C GLN B 20 1.81 2.91 -39.24
N GLU B 21 2.86 3.28 -39.94
CA GLU B 21 3.46 4.61 -39.83
C GLU B 21 2.98 5.61 -40.89
N ASN B 22 2.54 5.09 -42.03
CA ASN B 22 2.15 5.90 -43.18
C ASN B 22 0.83 5.37 -43.72
N GLY B 23 -0.21 5.64 -42.94
CA GLY B 23 -1.51 5.05 -43.18
C GLY B 23 -2.18 5.51 -44.44
N ARG B 24 -1.67 6.59 -45.03
CA ARG B 24 -2.35 7.28 -46.11
C ARG B 24 -1.63 7.19 -47.45
N LEU B 25 -0.57 6.36 -47.53
CA LEU B 25 0.15 6.20 -48.79
C LEU B 25 -0.78 5.68 -49.87
N THR B 26 -0.65 6.20 -51.07
CA THR B 26 -1.37 5.64 -52.21
C THR B 26 -0.84 4.22 -52.50
N ASN B 27 -1.60 3.44 -53.25
CA ASN B 27 -1.18 2.10 -53.60
C ASN B 27 0.15 2.11 -54.35
N VAL B 28 0.32 3.07 -55.26
CA VAL B 28 1.56 3.18 -56.02
C VAL B 28 2.75 3.46 -55.10
N GLU B 29 2.56 4.33 -54.13
CA GLU B 29 3.59 4.68 -53.15
C GLU B 29 3.96 3.45 -52.31
N LEU B 30 2.94 2.80 -51.77
CA LEU B 30 3.12 1.58 -50.99
C LEU B 30 3.85 0.50 -51.82
N SER B 31 3.48 0.36 -53.09
CA SER B 31 4.05 -0.69 -53.92
C SER B 31 5.55 -0.43 -54.15
N GLU B 32 5.91 0.84 -54.30
CA GLU B 32 7.29 1.25 -54.47
C GLU B 32 8.13 0.91 -53.24
N ARG B 33 7.57 1.11 -52.06
CA ARG B 33 8.31 0.84 -50.81
C ARG B 33 8.44 -0.62 -50.42
N VAL B 34 7.52 -1.47 -50.88
CA VAL B 34 7.51 -2.88 -50.47
C VAL B 34 8.04 -3.80 -51.59
N ALA B 35 8.35 -3.20 -52.73
CA ALA B 35 8.93 -3.94 -53.89
C ALA B 35 7.93 -4.96 -54.44
N LEU B 36 6.69 -4.51 -54.58
CA LEU B 36 5.63 -5.26 -55.26
C LEU B 36 5.09 -4.37 -56.37
N SER B 37 4.68 -5.00 -57.47
CA SER B 37 3.95 -4.28 -58.53
C SER B 37 2.60 -3.79 -57.97
N PRO B 38 2.09 -2.67 -58.50
CA PRO B 38 0.82 -2.15 -57.96
C PRO B 38 -0.32 -3.18 -57.85
N SER B 39 -0.55 -4.00 -58.88
CA SER B 39 -1.67 -4.95 -58.86
C SER B 39 -1.58 -5.98 -57.72
N PRO B 40 -0.47 -6.74 -57.64
CA PRO B 40 -0.32 -7.65 -56.49
C PRO B 40 -0.38 -6.96 -55.12
N CYS B 41 0.20 -5.76 -55.04
CA CYS B 41 0.19 -4.98 -53.82
C CYS B 41 -1.24 -4.67 -53.39
N LEU B 42 -2.04 -4.18 -54.33
CA LEU B 42 -3.45 -3.91 -54.08
C LEU B 42 -4.17 -5.16 -53.60
N ARG B 43 -3.94 -6.28 -54.28
CA ARG B 43 -4.61 -7.53 -53.91
C ARG B 43 -4.23 -7.87 -52.47
N ARG B 44 -2.93 -7.81 -52.18
CA ARG B 44 -2.42 -8.24 -50.87
C ARG B 44 -2.98 -7.44 -49.71
N LEU B 45 -3.09 -6.12 -49.87
CA LEU B 45 -3.59 -5.26 -48.81
C LEU B 45 -5.06 -5.56 -48.51
N LYS B 46 -5.83 -5.79 -49.56
CA LYS B 46 -7.22 -6.17 -49.41
C LYS B 46 -7.36 -7.46 -48.58
N GLN B 47 -6.49 -8.42 -48.87
CA GLN B 47 -6.45 -9.67 -48.10
C GLN B 47 -6.11 -9.43 -46.64
N LEU B 48 -5.15 -8.56 -46.37
CA LEU B 48 -4.75 -8.27 -44.98
C LEU B 48 -5.86 -7.52 -44.23
N GLU B 49 -6.54 -6.63 -44.93
CA GLU B 49 -7.73 -5.99 -44.41
C GLU B 49 -8.85 -7.02 -44.18
N ASP B 50 -9.11 -7.84 -45.20
CA ASP B 50 -10.17 -8.85 -45.13
C ASP B 50 -9.94 -9.88 -44.01
N ALA B 51 -8.68 -10.27 -43.81
CA ALA B 51 -8.30 -11.17 -42.73
C ALA B 51 -8.48 -10.54 -41.34
N GLY B 52 -8.68 -9.23 -41.30
CA GLY B 52 -8.87 -8.51 -40.05
C GLY B 52 -7.57 -8.08 -39.40
N ILE B 53 -6.45 -8.24 -40.12
CA ILE B 53 -5.17 -7.83 -39.58
C ILE B 53 -5.17 -6.31 -39.43
N VAL B 54 -5.47 -5.62 -40.53
CA VAL B 54 -5.75 -4.19 -40.55
C VAL B 54 -7.21 -4.00 -40.17
N ARG B 55 -7.45 -3.37 -39.02
CA ARG B 55 -8.84 -3.15 -38.57
C ARG B 55 -9.37 -1.74 -38.83
N GLN B 56 -8.45 -0.78 -38.97
CA GLN B 56 -8.84 0.60 -39.25
C GLN B 56 -7.67 1.43 -39.76
N TYR B 57 -8.00 2.46 -40.51
CA TYR B 57 -7.09 3.57 -40.79
C TYR B 57 -7.60 4.80 -40.05
N ALA B 58 -6.68 5.51 -39.38
CA ALA B 58 -7.01 6.68 -38.56
C ALA B 58 -5.97 7.79 -38.69
N ALA B 59 -6.47 9.03 -38.82
CA ALA B 59 -5.66 10.22 -38.58
C ALA B 59 -5.44 10.33 -37.06
N LEU B 60 -4.20 10.54 -36.65
CA LEU B 60 -3.87 10.70 -35.23
C LEU B 60 -3.56 12.17 -35.00
N LEU B 61 -4.19 12.74 -33.98
CA LEU B 61 -4.04 14.15 -33.71
C LEU B 61 -3.16 14.43 -32.51
N SER B 62 -2.58 15.62 -32.49
CA SER B 62 -1.92 16.13 -31.27
C SER B 62 -2.98 16.62 -30.26
N PRO B 63 -3.01 16.00 -29.07
CA PRO B 63 -3.91 16.47 -28.01
C PRO B 63 -3.71 17.93 -27.64
N GLU B 64 -2.47 18.37 -27.50
CA GLU B 64 -2.20 19.78 -27.23
C GLU B 64 -2.82 20.69 -28.29
N SER B 65 -2.60 20.36 -29.57
CA SER B 65 -3.11 21.18 -30.67
C SER B 65 -4.64 21.37 -30.68
N VAL B 66 -5.36 20.50 -29.99
CA VAL B 66 -6.81 20.59 -29.90
C VAL B 66 -7.25 20.89 -28.47
N ASN B 67 -6.35 21.50 -27.70
CA ASN B 67 -6.64 21.97 -26.35
C ASN B 67 -7.02 20.84 -25.39
N LEU B 68 -6.37 19.69 -25.53
CA LEU B 68 -6.57 18.58 -24.62
C LEU B 68 -5.27 18.37 -23.87
N GLY B 69 -4.94 19.34 -23.02
CA GLY B 69 -3.67 19.39 -22.33
C GLY B 69 -3.56 18.51 -21.10
N LEU B 70 -4.64 17.83 -20.73
CA LEU B 70 -4.59 16.95 -19.58
C LEU B 70 -4.90 15.53 -20.01
N GLN B 71 -3.96 14.62 -19.75
CA GLN B 71 -4.15 13.21 -20.04
C GLN B 71 -4.15 12.45 -18.71
N ALA B 72 -5.28 11.80 -18.43
CA ALA B 72 -5.53 11.10 -17.18
C ALA B 72 -5.48 9.57 -17.38
N PHE B 73 -4.88 8.89 -16.40
CA PHE B 73 -5.00 7.45 -16.24
C PHE B 73 -5.86 7.24 -15.00
N ILE B 74 -7.05 6.69 -15.19
CA ILE B 74 -8.02 6.54 -14.13
C ILE B 74 -8.17 5.07 -13.76
N ARG B 75 -7.88 4.79 -12.50
CA ARG B 75 -8.02 3.46 -11.94
C ARG B 75 -9.36 3.37 -11.26
N VAL B 76 -10.24 2.56 -11.84
CA VAL B 76 -11.62 2.49 -11.38
C VAL B 76 -11.85 1.18 -10.64
N SER B 77 -12.49 1.27 -9.48
CA SER B 77 -12.86 0.12 -8.70
C SER B 77 -14.38 -0.06 -8.88
N ILE B 78 -14.77 -1.24 -9.37
CA ILE B 78 -16.16 -1.51 -9.71
C ILE B 78 -16.92 -2.06 -8.50
N ARG B 79 -18.21 -1.71 -8.39
CA ARG B 79 -19.06 -2.27 -7.35
C ARG B 79 -19.32 -3.74 -7.61
N LYS B 80 -19.24 -4.55 -6.55
CA LYS B 80 -19.56 -5.98 -6.63
C LYS B 80 -21.08 -6.13 -6.58
N ALA B 81 -21.70 -5.92 -7.74
CA ALA B 81 -23.14 -6.07 -7.89
C ALA B 81 -23.39 -6.65 -9.26
N LYS B 82 -24.55 -7.26 -9.43
CA LYS B 82 -24.97 -7.81 -10.73
C LYS B 82 -25.08 -6.69 -11.76
N ASP B 83 -24.54 -6.95 -12.95
CA ASP B 83 -24.58 -6.02 -14.09
C ASP B 83 -23.77 -4.74 -13.95
N ALA B 84 -23.05 -4.57 -12.83
CA ALA B 84 -22.22 -3.37 -12.64
C ALA B 84 -21.15 -3.25 -13.72
N ARG B 85 -20.48 -4.36 -14.02
CA ARG B 85 -19.39 -4.35 -15.00
C ARG B 85 -19.91 -4.02 -16.40
N GLU B 86 -21.05 -4.62 -16.75
CA GLU B 86 -21.60 -4.45 -18.09
C GLU B 86 -22.22 -3.07 -18.27
N ASP B 87 -22.89 -2.57 -17.23
CA ASP B 87 -23.43 -1.23 -17.24
C ASP B 87 -22.32 -0.20 -17.33
N PHE B 88 -21.21 -0.44 -16.64
CA PHE B 88 -20.04 0.44 -16.72
C PHE B 88 -19.40 0.42 -18.10
N ALA B 89 -19.22 -0.77 -18.66
CA ALA B 89 -18.69 -0.93 -20.01
C ALA B 89 -19.57 -0.21 -21.05
N ALA B 90 -20.89 -0.36 -20.94
CA ALA B 90 -21.81 0.31 -21.87
C ALA B 90 -21.66 1.85 -21.82
N SER B 91 -21.60 2.38 -20.61
CA SER B 91 -21.45 3.81 -20.39
C SER B 91 -20.11 4.35 -20.88
N VAL B 92 -19.02 3.68 -20.53
CA VAL B 92 -17.66 4.06 -20.97
C VAL B 92 -17.58 4.23 -22.47
N ARG B 93 -18.24 3.33 -23.21
CA ARG B 93 -18.25 3.36 -24.68
C ARG B 93 -18.98 4.58 -25.22
N LYS B 94 -19.88 5.16 -24.42
CA LYS B 94 -20.55 6.41 -24.78
C LYS B 94 -19.86 7.69 -24.24
N TRP B 95 -18.75 7.57 -23.50
CA TRP B 95 -17.99 8.76 -23.05
C TRP B 95 -16.80 9.06 -23.99
N PRO B 96 -16.93 10.09 -24.87
CA PRO B 96 -15.88 10.37 -25.88
C PRO B 96 -14.52 10.80 -25.32
N GLU B 97 -14.49 11.32 -24.10
CA GLU B 97 -13.21 11.72 -23.48
C GLU B 97 -12.37 10.53 -23.05
N VAL B 98 -13.02 9.39 -22.86
CA VAL B 98 -12.34 8.13 -22.57
C VAL B 98 -12.02 7.42 -23.90
N LEU B 99 -10.74 7.33 -24.23
CA LEU B 99 -10.29 6.67 -25.46
C LEU B 99 -10.10 5.17 -25.26
N SER B 100 -9.65 4.76 -24.08
CA SER B 100 -9.54 3.33 -23.82
C SER B 100 -9.86 2.94 -22.39
N CYS B 101 -10.20 1.67 -22.24
CA CYS B 101 -10.65 1.11 -20.97
C CYS B 101 -10.33 -0.37 -21.01
N PHE B 102 -9.59 -0.84 -20.01
CA PHE B 102 -9.16 -2.23 -19.93
C PHE B 102 -9.40 -2.75 -18.53
N ALA B 103 -10.06 -3.91 -18.44
CA ALA B 103 -10.11 -4.66 -17.21
C ALA B 103 -8.74 -5.29 -17.07
N LEU B 104 -8.13 -5.12 -15.89
CA LEU B 104 -6.74 -5.57 -15.64
C LEU B 104 -6.68 -6.62 -14.54
N THR B 105 -5.53 -7.30 -14.47
CA THR B 105 -5.30 -8.45 -13.58
C THR B 105 -4.91 -8.12 -12.15
N GLY B 106 -4.50 -6.89 -11.88
CA GLY B 106 -4.01 -6.51 -10.55
C GLY B 106 -5.09 -5.94 -9.64
N GLU B 107 -4.70 -4.98 -8.78
CA GLU B 107 -5.63 -4.38 -7.83
C GLU B 107 -6.65 -3.46 -8.51
N THR B 108 -6.27 -2.86 -9.64
CA THR B 108 -7.19 -2.02 -10.39
C THR B 108 -8.11 -2.86 -11.26
N ASP B 109 -9.43 -2.71 -11.08
CA ASP B 109 -10.40 -3.43 -11.89
C ASP B 109 -10.42 -2.94 -13.35
N TYR B 110 -10.46 -1.61 -13.53
CA TYR B 110 -10.37 -1.02 -14.87
C TYR B 110 -9.43 0.15 -14.93
N LEU B 111 -8.60 0.17 -15.96
CA LEU B 111 -7.76 1.31 -16.27
C LEU B 111 -8.35 2.09 -17.44
N LEU B 112 -8.64 3.37 -17.20
CA LEU B 112 -9.13 4.26 -18.25
C LEU B 112 -8.06 5.27 -18.64
N GLN B 113 -8.01 5.57 -19.93
CA GLN B 113 -7.15 6.61 -20.46
C GLN B 113 -8.05 7.63 -21.10
N ALA B 114 -7.98 8.87 -20.60
CA ALA B 114 -8.89 9.96 -21.01
C ALA B 114 -8.18 11.31 -21.17
N PHE B 115 -8.73 12.14 -22.03
CA PHE B 115 -8.18 13.46 -22.33
C PHE B 115 -9.16 14.57 -21.96
N PHE B 116 -8.64 15.65 -21.38
CA PHE B 116 -9.42 16.83 -20.92
C PHE B 116 -8.67 18.11 -21.22
N THR B 117 -9.40 19.21 -21.26
CA THR B 117 -8.77 20.52 -21.49
C THR B 117 -7.93 20.90 -20.28
N ASP B 118 -8.45 20.60 -19.09
CA ASP B 118 -7.79 20.94 -17.83
C ASP B 118 -8.40 20.22 -16.63
N MSE B 119 -7.90 20.53 -15.43
CA MSE B 119 -8.34 19.87 -14.19
C MSE B 119 -9.83 20.10 -13.89
O MSE B 119 -10.51 19.23 -13.34
CB MSE B 119 -7.55 20.42 -13.00
CG MSE B 119 -6.90 19.42 -12.04
SE MSE B 119 -7.29 17.50 -12.12
CE MSE B 119 -5.37 17.05 -12.39
N ASN B 120 -10.29 21.31 -14.19
CA ASN B 120 -11.69 21.70 -14.10
C ASN B 120 -12.60 20.76 -14.82
N ALA B 121 -12.22 20.42 -16.05
CA ALA B 121 -13.02 19.60 -16.93
C ALA B 121 -12.95 18.17 -16.40
N PHE B 122 -11.76 17.79 -15.97
CA PHE B 122 -11.56 16.48 -15.37
C PHE B 122 -12.46 16.29 -14.18
N SER B 123 -12.47 17.30 -13.32
CA SER B 123 -13.21 17.26 -12.07
C SER B 123 -14.72 17.17 -12.33
N HIS B 124 -15.20 17.84 -13.36
CA HIS B 124 -16.60 17.77 -13.72
C HIS B 124 -16.94 16.35 -14.14
N PHE B 125 -16.07 15.75 -14.95
CA PHE B 125 -16.27 14.40 -15.44
C PHE B 125 -16.29 13.41 -14.29
N VAL B 126 -15.25 13.45 -13.46
CA VAL B 126 -15.12 12.56 -12.32
C VAL B 126 -16.29 12.70 -11.35
N LEU B 127 -16.58 13.92 -10.92
CA LEU B 127 -17.58 14.12 -9.89
C LEU B 127 -19.00 13.93 -10.39
N ASP B 128 -19.29 14.41 -11.60
CA ASP B 128 -20.66 14.42 -12.10
C ASP B 128 -21.02 13.24 -13.02
N THR B 129 -20.03 12.55 -13.58
CA THR B 129 -20.31 11.43 -14.49
C THR B 129 -19.76 10.09 -13.97
N LEU B 130 -18.46 10.06 -13.68
CA LEU B 130 -17.77 8.82 -13.33
C LEU B 130 -18.17 8.28 -11.95
N LEU B 131 -17.95 9.08 -10.92
CA LEU B 131 -18.17 8.61 -9.55
C LEU B 131 -19.66 8.46 -9.24
N SER B 132 -20.50 9.18 -9.98
CA SER B 132 -21.96 9.04 -9.85
C SER B 132 -22.52 7.85 -10.63
N HIS B 133 -21.68 7.15 -11.40
CA HIS B 133 -22.13 5.94 -12.08
C HIS B 133 -22.49 4.88 -11.03
N HIS B 134 -23.69 4.32 -11.11
CA HIS B 134 -24.14 3.36 -10.11
C HIS B 134 -23.21 2.14 -9.98
N GLY B 135 -22.49 1.82 -11.05
CA GLY B 135 -21.57 0.66 -11.04
C GLY B 135 -20.18 0.93 -10.50
N VAL B 136 -19.84 2.20 -10.29
CA VAL B 136 -18.49 2.60 -9.88
C VAL B 136 -18.42 2.71 -8.36
N GLN B 137 -17.48 1.98 -7.76
CA GLN B 137 -17.25 2.02 -6.32
C GLN B 137 -16.36 3.22 -5.96
N ASP B 138 -15.23 3.34 -6.65
CA ASP B 138 -14.30 4.42 -6.43
C ASP B 138 -13.42 4.59 -7.65
N ALA B 139 -12.75 5.73 -7.72
CA ALA B 139 -11.77 5.98 -8.77
C ALA B 139 -10.62 6.76 -8.16
N GLN B 140 -9.42 6.53 -8.67
CA GLN B 140 -8.29 7.39 -8.36
C GLN B 140 -7.50 7.55 -9.62
N SER B 141 -6.89 8.72 -9.79
CA SER B 141 -6.22 9.02 -11.06
C SER B 141 -4.79 9.55 -10.93
N SER B 142 -4.07 9.35 -12.03
CA SER B 142 -2.74 9.88 -12.25
C SER B 142 -2.79 10.64 -13.56
N PHE B 143 -1.90 11.61 -13.74
CA PHE B 143 -1.92 12.42 -14.94
C PHE B 143 -0.51 12.42 -15.55
N VAL B 144 -0.44 12.66 -16.87
CA VAL B 144 0.82 12.60 -17.61
C VAL B 144 1.67 13.85 -17.37
N LEU B 145 2.86 13.65 -16.82
CA LEU B 145 3.83 14.72 -16.68
C LEU B 145 4.63 14.90 -17.96
N LYS B 146 4.88 13.80 -18.66
CA LYS B 146 5.70 13.81 -19.87
C LYS B 146 5.44 12.53 -20.66
N GLU B 147 5.29 12.69 -21.96
CA GLU B 147 5.18 11.57 -22.89
C GLU B 147 6.59 11.22 -23.41
N ILE B 148 7.07 10.01 -23.11
CA ILE B 148 8.40 9.56 -23.53
C ILE B 148 8.30 8.92 -24.91
N LYS B 149 7.20 8.21 -25.13
CA LYS B 149 6.94 7.46 -26.35
C LYS B 149 5.45 7.29 -26.44
N HIS B 150 4.92 7.45 -27.64
CA HIS B 150 3.55 7.06 -27.88
C HIS B 150 3.34 6.74 -29.34
N THR B 151 3.22 5.45 -29.63
CA THR B 151 2.97 4.98 -30.97
C THR B 151 1.82 3.98 -30.94
N THR B 152 1.20 3.79 -32.10
CA THR B 152 0.16 2.79 -32.30
C THR B 152 0.70 1.55 -33.06
N SER B 153 1.94 1.63 -33.55
CA SER B 153 2.57 0.53 -34.26
C SER B 153 2.85 -0.66 -33.36
N LEU B 154 2.29 -1.81 -33.72
CA LEU B 154 2.58 -3.05 -33.04
C LEU B 154 3.90 -3.62 -33.56
N PRO B 155 4.69 -4.26 -32.69
CA PRO B 155 5.88 -4.96 -33.18
C PRO B 155 5.49 -6.17 -34.03
N LEU B 156 6.14 -6.39 -35.17
CA LEU B 156 5.73 -7.45 -36.09
C LEU B 156 6.82 -8.49 -36.40
N ASN B 157 8.07 -8.18 -36.12
CA ASN B 157 9.19 -9.03 -36.58
C ASN B 157 9.25 -10.42 -35.96
N HIS B 158 8.54 -10.61 -34.86
CA HIS B 158 8.36 -11.95 -34.28
C HIS B 158 7.69 -12.90 -35.31
N LEU B 159 6.96 -12.34 -36.26
CA LEU B 159 6.36 -13.16 -37.32
C LEU B 159 7.35 -13.64 -38.40
N LEU B 160 8.61 -13.20 -38.33
CA LEU B 160 9.64 -13.54 -39.34
C LEU B 160 10.69 -14.53 -38.82
N THR C 7 2.52 -35.48 -29.50
CA THR C 7 1.15 -35.82 -30.00
C THR C 7 0.36 -36.56 -28.92
N LEU C 8 -0.22 -35.79 -27.99
CA LEU C 8 -0.96 -36.38 -26.86
C LEU C 8 -2.44 -36.51 -27.18
N ASP C 9 -2.90 -37.76 -27.25
CA ASP C 9 -4.30 -38.07 -27.54
C ASP C 9 -5.05 -38.39 -26.24
N LYS C 10 -6.35 -38.64 -26.37
CA LYS C 10 -7.21 -38.98 -25.22
C LYS C 10 -6.58 -39.99 -24.25
N THR C 11 -5.89 -40.98 -24.79
CA THR C 11 -5.29 -42.05 -23.99
C THR C 11 -4.06 -41.57 -23.23
N ASP C 12 -3.18 -40.84 -23.92
CA ASP C 12 -2.00 -40.24 -23.28
C ASP C 12 -2.40 -39.34 -22.12
N ILE C 13 -3.47 -38.57 -22.31
CA ILE C 13 -4.02 -37.67 -21.29
C ILE C 13 -4.51 -38.44 -20.06
N LYS C 14 -5.30 -39.49 -20.29
CA LYS C 14 -5.77 -40.36 -19.21
C LYS C 14 -4.62 -40.96 -18.42
N ILE C 15 -3.61 -41.49 -19.10
CA ILE C 15 -2.40 -42.00 -18.44
C ILE C 15 -1.81 -40.97 -17.48
N LEU C 16 -1.62 -39.75 -17.99
CA LEU C 16 -1.11 -38.64 -17.21
C LEU C 16 -2.02 -38.34 -16.01
N GLN C 17 -3.33 -38.26 -16.23
CA GLN C 17 -4.31 -38.00 -15.16
C GLN C 17 -4.28 -39.06 -14.05
N VAL C 18 -4.11 -40.33 -14.46
CA VAL C 18 -4.08 -41.42 -13.50
C VAL C 18 -2.78 -41.37 -12.68
N LEU C 19 -1.66 -41.19 -13.36
CA LEU C 19 -0.35 -41.19 -12.69
C LEU C 19 -0.12 -39.99 -11.76
N GLN C 20 -0.73 -38.85 -12.08
CA GLN C 20 -0.68 -37.68 -11.19
C GLN C 20 -1.32 -37.95 -9.83
N GLU C 21 -2.40 -38.73 -9.83
CA GLU C 21 -3.11 -39.10 -8.61
C GLU C 21 -2.49 -40.29 -7.90
N ASN C 22 -1.91 -41.21 -8.67
CA ASN C 22 -1.44 -42.50 -8.15
C ASN C 22 -0.08 -42.78 -8.77
N GLY C 23 0.94 -42.14 -8.25
CA GLY C 23 2.27 -42.25 -8.82
C GLY C 23 2.89 -43.64 -8.76
N ARG C 24 2.31 -44.53 -7.96
CA ARG C 24 2.86 -45.86 -7.73
C ARG C 24 1.98 -46.99 -8.28
N LEU C 25 1.24 -46.72 -9.36
CA LEU C 25 0.40 -47.74 -9.98
C LEU C 25 1.22 -48.73 -10.78
N THR C 26 0.90 -50.01 -10.65
CA THR C 26 1.46 -51.04 -11.52
C THR C 26 0.97 -50.78 -12.94
N ASN C 27 1.78 -51.19 -13.92
CA ASN C 27 1.36 -51.10 -15.31
C ASN C 27 0.08 -51.88 -15.55
N VAL C 28 -0.09 -52.97 -14.79
CA VAL C 28 -1.32 -53.76 -14.82
C VAL C 28 -2.55 -52.88 -14.52
N GLU C 29 -2.51 -52.18 -13.39
CA GLU C 29 -3.58 -51.26 -13.00
C GLU C 29 -3.66 -50.04 -13.90
N LEU C 30 -2.49 -49.52 -14.30
CA LEU C 30 -2.47 -48.38 -15.20
C LEU C 30 -3.18 -48.72 -16.49
N SER C 31 -2.73 -49.79 -17.12
CA SER C 31 -3.27 -50.18 -18.42
C SER C 31 -4.76 -50.45 -18.33
N GLU C 32 -5.18 -51.00 -17.19
CA GLU C 32 -6.60 -51.21 -16.95
C GLU C 32 -7.37 -49.90 -16.89
N ARG C 33 -6.85 -48.96 -16.13
CA ARG C 33 -7.57 -47.69 -15.92
C ARG C 33 -7.61 -46.82 -17.18
N VAL C 34 -6.61 -46.96 -18.04
CA VAL C 34 -6.57 -46.24 -19.32
C VAL C 34 -7.06 -47.09 -20.50
N ALA C 35 -7.66 -48.25 -20.21
CA ALA C 35 -8.20 -49.18 -21.22
C ALA C 35 -7.23 -49.51 -22.36
N LEU C 36 -6.01 -49.91 -22.00
CA LEU C 36 -5.01 -50.40 -22.95
C LEU C 36 -4.46 -51.75 -22.50
N SER C 37 -4.01 -52.57 -23.46
CA SER C 37 -3.24 -53.77 -23.12
C SER C 37 -1.91 -53.37 -22.45
N PRO C 38 -1.34 -54.24 -21.62
CA PRO C 38 -0.16 -53.83 -20.86
C PRO C 38 1.01 -53.30 -21.70
N SER C 39 1.34 -53.97 -22.80
CA SER C 39 2.50 -53.58 -23.60
C SER C 39 2.35 -52.23 -24.33
N PRO C 40 1.23 -52.01 -25.06
CA PRO C 40 0.98 -50.66 -25.58
C PRO C 40 1.02 -49.56 -24.51
N CYS C 41 0.46 -49.85 -23.33
CA CYS C 41 0.45 -48.89 -22.23
C CYS C 41 1.86 -48.55 -21.74
N LEU C 42 2.70 -49.57 -21.62
CA LEU C 42 4.07 -49.39 -21.15
C LEU C 42 4.90 -48.61 -22.18
N ARG C 43 4.61 -48.81 -23.45
CA ARG C 43 5.24 -48.05 -24.52
C ARG C 43 4.90 -46.57 -24.38
N ARG C 44 3.61 -46.27 -24.29
CA ARG C 44 3.12 -44.89 -24.14
C ARG C 44 3.73 -44.17 -22.93
N LEU C 45 3.69 -44.82 -21.76
CA LEU C 45 4.23 -44.22 -20.54
C LEU C 45 5.70 -43.91 -20.73
N LYS C 46 6.45 -44.89 -21.22
CA LYS C 46 7.89 -44.70 -21.45
C LYS C 46 8.16 -43.50 -22.35
N GLN C 47 7.40 -43.36 -23.43
CA GLN C 47 7.57 -42.20 -24.32
C GLN C 47 7.26 -40.90 -23.60
N LEU C 48 6.18 -40.89 -22.81
CA LEU C 48 5.82 -39.73 -22.00
C LEU C 48 6.92 -39.37 -21.00
N GLU C 49 7.57 -40.40 -20.45
CA GLU C 49 8.70 -40.18 -19.56
C GLU C 49 9.93 -39.69 -20.32
N ASP C 50 10.21 -40.28 -21.47
CA ASP C 50 11.38 -39.89 -22.25
C ASP C 50 11.27 -38.46 -22.78
N ALA C 51 10.05 -38.01 -23.09
CA ALA C 51 9.83 -36.65 -23.60
C ALA C 51 9.90 -35.61 -22.50
N GLY C 52 9.85 -36.05 -21.24
CA GLY C 52 9.94 -35.15 -20.10
C GLY C 52 8.59 -34.63 -19.64
N ILE C 53 7.50 -35.21 -20.16
CA ILE C 53 6.18 -34.78 -19.76
C ILE C 53 5.99 -35.21 -18.31
N VAL C 54 6.32 -36.46 -18.00
CA VAL C 54 6.48 -36.89 -16.61
C VAL C 54 7.90 -36.55 -16.17
N ARG C 55 8.04 -35.54 -15.32
CA ARG C 55 9.39 -35.10 -14.91
C ARG C 55 9.94 -35.82 -13.66
N GLN C 56 9.05 -36.34 -12.82
CA GLN C 56 9.46 -36.97 -11.57
C GLN C 56 8.31 -37.73 -10.93
N TYR C 57 8.63 -38.82 -10.24
CA TYR C 57 7.70 -39.46 -9.31
C TYR C 57 8.15 -39.14 -7.89
N ALA C 58 7.20 -38.89 -7.00
CA ALA C 58 7.51 -38.33 -5.68
C ALA C 58 6.60 -38.90 -4.61
N ALA C 59 7.19 -39.24 -3.46
CA ALA C 59 6.43 -39.47 -2.24
C ALA C 59 6.08 -38.11 -1.65
N LEU C 60 4.80 -37.85 -1.42
CA LEU C 60 4.34 -36.58 -0.82
C LEU C 60 4.01 -36.83 0.65
N LEU C 61 4.78 -36.19 1.54
CA LEU C 61 4.63 -36.42 2.98
C LEU C 61 3.67 -35.45 3.62
N SER C 62 3.18 -35.81 4.80
CA SER C 62 2.32 -34.94 5.60
C SER C 62 3.17 -34.07 6.54
N PRO C 63 3.14 -32.73 6.34
CA PRO C 63 3.93 -31.82 7.19
C PRO C 63 3.68 -32.01 8.68
N GLU C 64 2.42 -32.11 9.07
CA GLU C 64 2.02 -32.33 10.46
C GLU C 64 2.69 -33.58 11.03
N SER C 65 2.73 -34.64 10.23
CA SER C 65 3.28 -35.92 10.68
C SER C 65 4.75 -35.79 11.01
N VAL C 66 5.45 -34.88 10.32
CA VAL C 66 6.88 -34.65 10.56
C VAL C 66 7.18 -33.37 11.36
N ASN C 67 6.18 -32.90 12.11
CA ASN C 67 6.28 -31.73 12.97
C ASN C 67 6.61 -30.39 12.28
N LEU C 68 6.24 -30.27 11.01
CA LEU C 68 6.36 -29.00 10.31
C LEU C 68 4.99 -28.29 10.33
N GLY C 69 4.65 -27.74 11.50
CA GLY C 69 3.36 -27.10 11.72
C GLY C 69 3.23 -25.67 11.22
N LEU C 70 4.35 -25.06 10.83
CA LEU C 70 4.38 -23.68 10.35
C LEU C 70 4.74 -23.64 8.88
N GLN C 71 3.79 -23.19 8.06
CA GLN C 71 4.02 -23.04 6.63
C GLN C 71 4.01 -21.54 6.24
N ALA C 72 5.10 -21.07 5.64
CA ALA C 72 5.29 -19.65 5.37
C ALA C 72 5.29 -19.37 3.87
N PHE C 73 4.67 -18.25 3.52
CA PHE C 73 4.84 -17.62 2.22
C PHE C 73 5.66 -16.37 2.45
N ILE C 74 6.90 -16.38 1.96
CA ILE C 74 7.82 -15.29 2.18
C ILE C 74 7.96 -14.47 0.90
N ARG C 75 7.66 -13.18 1.00
CA ARG C 75 7.79 -12.27 -0.12
C ARG C 75 9.12 -11.55 -0.01
N VAL C 76 10.03 -11.85 -0.94
CA VAL C 76 11.38 -11.34 -0.88
C VAL C 76 11.62 -10.22 -1.88
N SER C 77 12.18 -9.13 -1.36
CA SER C 77 12.64 -8.02 -2.16
C SER C 77 14.14 -8.22 -2.36
N ILE C 78 14.56 -8.20 -3.61
CA ILE C 78 15.95 -8.44 -3.94
C ILE C 78 16.68 -7.10 -3.98
N ARG C 79 17.98 -7.10 -3.65
CA ARG C 79 18.80 -5.94 -3.88
C ARG C 79 18.95 -5.67 -5.37
N LYS C 80 18.99 -4.39 -5.71
CA LYS C 80 19.17 -3.94 -7.08
C LYS C 80 20.66 -3.78 -7.36
N ALA C 81 21.36 -4.90 -7.40
CA ALA C 81 22.79 -4.92 -7.65
C ALA C 81 23.09 -6.11 -8.53
N LYS C 82 24.20 -6.02 -9.26
CA LYS C 82 24.61 -7.08 -10.18
C LYS C 82 24.94 -8.33 -9.39
N ASP C 83 24.47 -9.47 -9.88
CA ASP C 83 24.67 -10.80 -9.28
C ASP C 83 23.70 -11.14 -8.14
N ALA C 84 22.99 -10.15 -7.58
CA ALA C 84 22.11 -10.41 -6.43
C ALA C 84 21.10 -11.51 -6.72
N ARG C 85 20.46 -11.43 -7.90
CA ARG C 85 19.39 -12.36 -8.28
C ARG C 85 19.88 -13.79 -8.43
N GLU C 86 21.04 -13.91 -9.05
CA GLU C 86 21.71 -15.19 -9.25
C GLU C 86 22.20 -15.76 -7.92
N ASP C 87 22.92 -14.95 -7.17
CA ASP C 87 23.46 -15.36 -5.87
C ASP C 87 22.34 -15.85 -4.98
N PHE C 88 21.23 -15.11 -4.98
CA PHE C 88 20.08 -15.45 -4.18
C PHE C 88 19.47 -16.77 -4.63
N ALA C 89 19.23 -16.89 -5.93
CA ALA C 89 18.70 -18.11 -6.52
C ALA C 89 19.59 -19.32 -6.16
N ALA C 90 20.89 -19.18 -6.39
CA ALA C 90 21.87 -20.19 -6.03
C ALA C 90 21.78 -20.65 -4.58
N SER C 91 21.63 -19.70 -3.65
CA SER C 91 21.49 -20.02 -2.22
C SER C 91 20.15 -20.66 -1.86
N VAL C 92 19.05 -20.13 -2.40
CA VAL C 92 17.71 -20.66 -2.14
C VAL C 92 17.62 -22.13 -2.52
N ARG C 93 18.32 -22.51 -3.58
CA ARG C 93 18.36 -23.90 -4.02
C ARG C 93 18.99 -24.81 -2.97
N LYS C 94 19.80 -24.24 -2.08
CA LYS C 94 20.48 -25.00 -1.01
C LYS C 94 19.78 -24.93 0.35
N TRP C 95 18.66 -24.20 0.44
CA TRP C 95 17.89 -24.13 1.68
C TRP C 95 16.74 -25.12 1.62
N PRO C 96 16.87 -26.29 2.29
CA PRO C 96 15.86 -27.36 2.19
C PRO C 96 14.50 -27.01 2.82
N GLU C 97 14.47 -26.00 3.68
CA GLU C 97 13.20 -25.52 4.24
C GLU C 97 12.39 -24.74 3.23
N VAL C 98 13.04 -24.30 2.15
CA VAL C 98 12.38 -23.59 1.07
C VAL C 98 12.06 -24.55 -0.06
N LEU C 99 10.77 -24.81 -0.26
CA LEU C 99 10.35 -25.79 -1.27
C LEU C 99 10.26 -25.16 -2.65
N SER C 100 9.82 -23.93 -2.72
CA SER C 100 9.68 -23.27 -4.02
C SER C 100 10.00 -21.80 -3.92
N CYS C 101 10.43 -21.27 -5.05
CA CYS C 101 10.81 -19.88 -5.16
C CYS C 101 10.53 -19.43 -6.58
N PHE C 102 9.68 -18.42 -6.73
CA PHE C 102 9.28 -17.92 -8.04
C PHE C 102 9.51 -16.44 -8.16
N ALA C 103 10.14 -16.02 -9.23
CA ALA C 103 10.18 -14.62 -9.59
C ALA C 103 8.78 -14.29 -10.15
N LEU C 104 8.16 -13.25 -9.60
CA LEU C 104 6.79 -12.90 -10.01
C LEU C 104 6.75 -11.55 -10.73
N THR C 105 5.58 -11.25 -11.31
CA THR C 105 5.35 -10.05 -12.14
C THR C 105 4.91 -8.80 -11.38
N GLY C 106 4.50 -8.96 -10.12
CA GLY C 106 4.02 -7.84 -9.31
C GLY C 106 5.10 -7.17 -8.48
N GLU C 107 4.68 -6.59 -7.36
CA GLU C 107 5.60 -5.86 -6.49
C GLU C 107 6.51 -6.81 -5.73
N THR C 108 6.07 -8.05 -5.53
CA THR C 108 6.89 -9.05 -4.88
C THR C 108 7.86 -9.67 -5.89
N ASP C 109 9.17 -9.49 -5.66
CA ASP C 109 10.20 -9.96 -6.59
C ASP C 109 10.24 -11.49 -6.63
N TYR C 110 10.28 -12.09 -5.44
CA TYR C 110 10.28 -13.54 -5.29
C TYR C 110 9.30 -13.95 -4.22
N LEU C 111 8.52 -14.96 -4.53
CA LEU C 111 7.69 -15.62 -3.55
C LEU C 111 8.32 -16.96 -3.21
N LEU C 112 8.57 -17.13 -1.92
CA LEU C 112 9.09 -18.37 -1.38
C LEU C 112 8.01 -19.05 -0.58
N GLN C 113 7.95 -20.37 -0.71
CA GLN C 113 7.12 -21.19 0.14
C GLN C 113 8.02 -22.12 0.95
N ALA C 114 7.89 -22.09 2.27
CA ALA C 114 8.83 -22.78 3.15
C ALA C 114 8.12 -23.41 4.35
N PHE C 115 8.76 -24.41 4.96
CA PHE C 115 8.17 -25.14 6.10
C PHE C 115 9.11 -25.14 7.30
N PHE C 116 8.53 -25.03 8.49
CA PHE C 116 9.25 -24.94 9.77
C PHE C 116 8.45 -25.61 10.85
N THR C 117 9.12 -25.94 11.95
CA THR C 117 8.43 -26.54 13.10
C THR C 117 7.54 -25.52 13.81
N ASP C 118 8.09 -24.33 14.03
CA ASP C 118 7.39 -23.27 14.75
C ASP C 118 8.02 -21.90 14.47
N MSE C 119 7.43 -20.86 15.06
CA MSE C 119 7.89 -19.48 14.83
C MSE C 119 9.36 -19.29 15.20
O MSE C 119 10.09 -18.55 14.53
CB MSE C 119 7.00 -18.49 15.59
CG MSE C 119 7.15 -17.03 15.15
SE MSE C 119 6.89 -16.79 13.24
CE MSE C 119 4.95 -17.12 13.11
N ASN C 120 9.80 -19.98 16.23
CA ASN C 120 11.20 -19.92 16.66
C ASN C 120 12.17 -20.32 15.55
N ALA C 121 11.87 -21.45 14.91
CA ALA C 121 12.68 -21.97 13.79
C ALA C 121 12.62 -21.05 12.58
N PHE C 122 11.42 -20.57 12.26
CA PHE C 122 11.24 -19.59 11.20
C PHE C 122 12.09 -18.35 11.46
N SER C 123 12.00 -17.83 12.69
CA SER C 123 12.75 -16.65 13.08
C SER C 123 14.26 -16.83 12.90
N HIS C 124 14.79 -17.98 13.31
CA HIS C 124 16.22 -18.27 13.15
C HIS C 124 16.60 -18.28 11.67
N PHE C 125 15.75 -18.87 10.82
CA PHE C 125 15.95 -18.86 9.38
C PHE C 125 15.97 -17.46 8.77
N VAL C 126 14.95 -16.68 9.08
CA VAL C 126 14.79 -15.32 8.55
C VAL C 126 15.91 -14.37 8.98
N LEU C 127 16.14 -14.28 10.28
CA LEU C 127 17.12 -13.36 10.81
C LEU C 127 18.55 -13.79 10.46
N ASP C 128 18.85 -15.08 10.59
CA ASP C 128 20.24 -15.51 10.49
C ASP C 128 20.65 -16.08 9.16
N THR C 129 19.69 -16.33 8.26
CA THR C 129 20.00 -16.86 6.93
C THR C 129 19.44 -16.00 5.80
N LEU C 130 18.12 -15.80 5.78
CA LEU C 130 17.47 -15.04 4.68
C LEU C 130 17.89 -13.57 4.65
N LEU C 131 17.52 -12.82 5.68
CA LEU C 131 17.79 -11.40 5.71
C LEU C 131 19.29 -11.10 5.73
N SER C 132 20.10 -12.05 6.21
CA SER C 132 21.56 -11.89 6.21
C SER C 132 22.22 -12.18 4.84
N HIS C 133 21.47 -12.75 3.89
CA HIS C 133 21.99 -12.97 2.54
C HIS C 133 22.23 -11.62 1.86
N HIS C 134 23.44 -11.45 1.31
CA HIS C 134 23.85 -10.21 0.68
C HIS C 134 22.94 -9.74 -0.47
N GLY C 135 22.19 -10.65 -1.07
CA GLY C 135 21.31 -10.32 -2.19
C GLY C 135 19.92 -9.88 -1.77
N VAL C 136 19.58 -10.05 -0.50
CA VAL C 136 18.22 -9.81 -0.01
C VAL C 136 18.13 -8.40 0.60
N GLN C 137 17.22 -7.59 0.06
CA GLN C 137 16.98 -6.24 0.57
C GLN C 137 16.01 -6.30 1.73
N ASP C 138 14.90 -7.01 1.53
CA ASP C 138 13.91 -7.12 2.60
C ASP C 138 13.04 -8.33 2.36
N ALA C 139 12.30 -8.70 3.40
CA ALA C 139 11.32 -9.76 3.27
C ALA C 139 10.19 -9.55 4.26
N GLN C 140 9.00 -9.96 3.84
CA GLN C 140 7.83 -10.02 4.71
C GLN C 140 7.09 -11.32 4.42
N SER C 141 6.45 -11.86 5.45
CA SER C 141 5.85 -13.19 5.37
C SER C 141 4.42 -13.25 5.88
N SER C 142 3.71 -14.24 5.33
CA SER C 142 2.39 -14.63 5.77
C SER C 142 2.50 -16.13 6.04
N PHE C 143 1.56 -16.65 6.82
CA PHE C 143 1.59 -18.04 7.26
C PHE C 143 0.20 -18.67 7.08
N VAL C 144 0.18 -19.98 6.92
CA VAL C 144 -1.06 -20.72 6.67
C VAL C 144 -1.92 -20.89 7.93
N LEU C 145 -3.14 -20.38 7.83
CA LEU C 145 -4.15 -20.58 8.84
C LEU C 145 -4.93 -21.86 8.53
N LYS C 146 -5.13 -22.13 7.25
CA LYS C 146 -5.90 -23.30 6.84
C LYS C 146 -5.62 -23.66 5.39
N GLU C 147 -5.35 -24.93 5.15
CA GLU C 147 -5.25 -25.44 3.80
C GLU C 147 -6.65 -25.78 3.32
N ILE C 148 -7.07 -25.12 2.24
CA ILE C 148 -8.36 -25.43 1.63
C ILE C 148 -8.13 -26.46 0.53
N LYS C 149 -7.00 -26.38 -0.14
CA LYS C 149 -6.68 -27.28 -1.22
C LYS C 149 -5.17 -27.31 -1.46
N HIS C 150 -4.69 -28.50 -1.76
CA HIS C 150 -3.32 -28.65 -2.19
C HIS C 150 -3.14 -29.96 -2.94
N THR C 151 -2.97 -29.86 -4.24
CA THR C 151 -2.57 -31.00 -5.03
C THR C 151 -1.42 -30.63 -5.93
N THR C 152 -0.69 -31.65 -6.39
CA THR C 152 0.38 -31.45 -7.36
C THR C 152 -0.12 -31.66 -8.79
N SER C 153 -1.40 -31.95 -8.94
CA SER C 153 -1.96 -32.36 -10.24
C SER C 153 -2.34 -31.18 -11.09
N LEU C 154 -1.72 -31.09 -12.26
CA LEU C 154 -2.00 -30.07 -13.25
C LEU C 154 -3.32 -30.34 -13.94
N PRO C 155 -4.02 -29.28 -14.34
CA PRO C 155 -5.22 -29.52 -15.17
C PRO C 155 -4.79 -29.99 -16.56
N LEU C 156 -5.54 -30.91 -17.14
CA LEU C 156 -5.21 -31.41 -18.48
C LEU C 156 -6.33 -31.30 -19.52
N ASN C 157 -7.53 -30.89 -19.10
CA ASN C 157 -8.71 -30.88 -19.98
C ASN C 157 -8.55 -30.05 -21.25
N HIS C 158 -7.82 -28.95 -21.18
CA HIS C 158 -7.54 -28.10 -22.34
C HIS C 158 -6.90 -28.85 -23.53
N LEU C 159 -6.19 -29.94 -23.24
CA LEU C 159 -5.57 -30.76 -24.29
C LEU C 159 -6.59 -31.59 -25.06
N LEU C 160 -7.77 -31.79 -24.46
CA LEU C 160 -8.80 -32.69 -25.02
C LEU C 160 -9.74 -31.97 -25.99
N GLN D 5 5.81 -35.25 19.85
CA GLN D 5 6.47 -34.68 18.64
C GLN D 5 7.43 -35.69 18.02
N LEU D 6 7.20 -36.01 16.75
CA LEU D 6 7.87 -37.12 16.07
C LEU D 6 9.40 -37.05 16.14
N THR D 7 10.01 -38.21 16.28
CA THR D 7 11.46 -38.33 16.22
C THR D 7 11.81 -39.61 15.45
N LEU D 8 12.71 -39.46 14.50
CA LEU D 8 13.15 -40.54 13.61
C LEU D 8 14.64 -40.70 13.76
N ASP D 9 15.15 -41.88 13.38
CA ASP D 9 16.60 -42.08 13.36
C ASP D 9 17.20 -41.69 12.00
N LYS D 10 18.52 -41.56 12.01
CA LYS D 10 19.34 -41.22 10.86
C LYS D 10 18.93 -41.93 9.55
N THR D 11 18.66 -43.23 9.61
CA THR D 11 18.32 -43.99 8.39
C THR D 11 16.85 -43.85 7.95
N ASP D 12 15.92 -43.68 8.89
CA ASP D 12 14.50 -43.45 8.55
C ASP D 12 14.29 -42.11 7.84
N ILE D 13 15.03 -41.11 8.26
CA ILE D 13 15.07 -39.83 7.56
C ILE D 13 15.64 -40.04 6.15
N LYS D 14 16.71 -40.82 6.06
CA LYS D 14 17.33 -41.16 4.76
C LYS D 14 16.28 -41.78 3.82
N ILE D 15 15.52 -42.75 4.34
CA ILE D 15 14.47 -43.40 3.57
C ILE D 15 13.47 -42.37 3.05
N LEU D 16 12.99 -41.52 3.94
CA LEU D 16 12.04 -40.50 3.57
C LEU D 16 12.65 -39.52 2.55
N GLN D 17 13.94 -39.23 2.69
CA GLN D 17 14.64 -38.33 1.75
C GLN D 17 14.78 -38.93 0.35
N VAL D 18 14.96 -40.25 0.28
CA VAL D 18 15.04 -40.94 -1.01
C VAL D 18 13.65 -41.01 -1.66
N LEU D 19 12.64 -41.39 -0.88
CA LEU D 19 11.25 -41.52 -1.38
C LEU D 19 10.69 -40.21 -1.93
N GLN D 20 11.00 -39.10 -1.27
CA GLN D 20 10.55 -37.80 -1.73
C GLN D 20 11.11 -37.44 -3.10
N GLU D 21 12.35 -37.83 -3.33
CA GLU D 21 13.06 -37.54 -4.58
C GLU D 21 12.71 -38.53 -5.68
N ASN D 22 12.51 -39.80 -5.29
CA ASN D 22 12.21 -40.90 -6.20
C ASN D 22 11.05 -41.76 -5.67
N GLY D 23 9.83 -41.32 -5.90
CA GLY D 23 8.64 -42.02 -5.41
C GLY D 23 8.36 -43.39 -6.02
N ARG D 24 9.05 -43.75 -7.10
CA ARG D 24 8.76 -45.00 -7.81
C ARG D 24 9.93 -46.01 -7.75
N LEU D 25 10.53 -46.18 -6.56
CA LEU D 25 11.69 -47.09 -6.39
C LEU D 25 11.26 -48.48 -5.90
N THR D 26 11.88 -49.51 -6.47
CA THR D 26 11.70 -50.87 -5.94
C THR D 26 12.37 -50.94 -4.56
N ASN D 27 12.08 -51.99 -3.81
CA ASN D 27 12.64 -52.08 -2.47
C ASN D 27 14.15 -52.25 -2.51
N VAL D 28 14.64 -53.02 -3.48
CA VAL D 28 16.09 -53.18 -3.66
C VAL D 28 16.74 -51.83 -3.96
N GLU D 29 16.10 -51.01 -4.79
CA GLU D 29 16.63 -49.69 -5.14
C GLU D 29 16.70 -48.77 -3.93
N LEU D 30 15.68 -48.82 -3.08
CA LEU D 30 15.65 -48.02 -1.86
C LEU D 30 16.73 -48.53 -0.89
N SER D 31 16.74 -49.85 -0.69
CA SER D 31 17.73 -50.53 0.15
C SER D 31 19.16 -50.08 -0.17
N GLU D 32 19.47 -49.99 -1.45
CA GLU D 32 20.78 -49.53 -1.92
C GLU D 32 21.03 -48.07 -1.57
N ARG D 33 20.04 -47.24 -1.85
CA ARG D 33 20.13 -45.80 -1.54
C ARG D 33 20.38 -45.49 -0.05
N VAL D 34 19.76 -46.26 0.86
CA VAL D 34 19.83 -45.95 2.30
C VAL D 34 20.88 -46.76 3.05
N ALA D 35 21.51 -47.71 2.37
CA ALA D 35 22.54 -48.57 2.97
C ALA D 35 21.96 -49.56 3.97
N LEU D 36 20.88 -50.23 3.57
CA LEU D 36 20.28 -51.32 4.35
C LEU D 36 20.11 -52.53 3.46
N SER D 37 19.82 -53.68 4.08
CA SER D 37 19.42 -54.87 3.34
C SER D 37 17.94 -54.74 3.05
N PRO D 38 17.44 -55.41 1.99
CA PRO D 38 16.03 -55.26 1.59
C PRO D 38 15.02 -55.58 2.70
N SER D 39 15.30 -56.59 3.53
CA SER D 39 14.36 -57.01 4.58
C SER D 39 14.20 -55.94 5.68
N PRO D 40 15.31 -55.52 6.33
CA PRO D 40 15.21 -54.41 7.29
C PRO D 40 14.67 -53.12 6.68
N CYS D 41 15.04 -52.87 5.43
CA CYS D 41 14.63 -51.68 4.70
C CYS D 41 13.12 -51.65 4.47
N LEU D 42 12.57 -52.79 4.06
CA LEU D 42 11.14 -52.95 3.83
C LEU D 42 10.34 -52.77 5.13
N ARG D 43 10.86 -53.37 6.20
CA ARG D 43 10.30 -53.26 7.53
C ARG D 43 10.21 -51.80 8.01
N ARG D 44 11.28 -51.04 7.78
CA ARG D 44 11.32 -49.62 8.09
C ARG D 44 10.26 -48.85 7.29
N LEU D 45 10.18 -49.14 5.99
CA LEU D 45 9.22 -48.48 5.10
C LEU D 45 7.77 -48.68 5.55
N LYS D 46 7.44 -49.89 5.96
CA LYS D 46 6.10 -50.21 6.46
C LYS D 46 5.68 -49.19 7.51
N GLN D 47 6.40 -49.20 8.63
CA GLN D 47 6.07 -48.35 9.79
C GLN D 47 5.95 -46.85 9.48
N LEU D 48 6.79 -46.36 8.56
CA LEU D 48 6.71 -44.96 8.12
C LEU D 48 5.41 -44.73 7.36
N GLU D 49 5.07 -45.69 6.49
CA GLU D 49 3.87 -45.62 5.66
C GLU D 49 2.64 -45.79 6.55
N ASP D 50 2.77 -46.63 7.58
CA ASP D 50 1.70 -46.91 8.53
C ASP D 50 1.54 -45.82 9.59
N ALA D 51 2.48 -44.90 9.66
CA ALA D 51 2.40 -43.77 10.59
C ALA D 51 1.68 -42.55 9.98
N GLY D 52 1.38 -42.61 8.69
CA GLY D 52 0.71 -41.50 8.00
C GLY D 52 1.67 -40.45 7.48
N ILE D 53 2.97 -40.75 7.58
CA ILE D 53 4.02 -39.84 7.17
C ILE D 53 3.94 -39.60 5.68
N VAL D 54 3.84 -40.69 4.91
CA VAL D 54 3.58 -40.62 3.47
C VAL D 54 2.07 -40.55 3.21
N ARG D 55 1.61 -39.47 2.59
CA ARG D 55 0.18 -39.32 2.33
C ARG D 55 -0.22 -39.69 0.90
N GLN D 56 0.72 -39.61 -0.05
CA GLN D 56 0.43 -39.91 -1.45
C GLN D 56 1.71 -40.03 -2.25
N TYR D 57 1.67 -40.86 -3.29
CA TYR D 57 2.68 -40.88 -4.33
C TYR D 57 2.09 -40.20 -5.56
N ALA D 58 2.89 -39.42 -6.25
CA ALA D 58 2.40 -38.66 -7.40
C ALA D 58 3.46 -38.61 -8.48
N ALA D 59 3.00 -38.67 -9.73
CA ALA D 59 3.80 -38.29 -10.89
C ALA D 59 3.71 -36.77 -10.98
N LEU D 60 4.84 -36.11 -11.13
CA LEU D 60 4.86 -34.66 -11.28
C LEU D 60 5.20 -34.40 -12.73
N LEU D 61 4.47 -33.47 -13.32
CA LEU D 61 4.61 -33.19 -14.74
C LEU D 61 5.28 -31.84 -14.97
N SER D 62 5.81 -31.68 -16.17
CA SER D 62 6.31 -30.39 -16.65
C SER D 62 5.12 -29.57 -17.18
N PRO D 63 4.85 -28.42 -16.55
CA PRO D 63 3.75 -27.58 -17.07
C PRO D 63 3.91 -27.15 -18.54
N GLU D 64 5.12 -26.82 -18.96
CA GLU D 64 5.38 -26.40 -20.34
C GLU D 64 5.06 -27.52 -21.34
N SER D 65 5.37 -28.76 -20.95
CA SER D 65 5.13 -29.93 -21.81
C SER D 65 3.65 -30.14 -22.12
N VAL D 66 2.76 -29.68 -21.25
CA VAL D 66 1.32 -29.82 -21.48
C VAL D 66 0.65 -28.48 -21.79
N ASN D 67 1.44 -27.57 -22.37
CA ASN D 67 0.98 -26.25 -22.83
C ASN D 67 0.43 -25.31 -21.74
N LEU D 68 0.80 -25.54 -20.48
CA LEU D 68 0.39 -24.66 -19.40
C LEU D 68 1.47 -23.62 -19.14
N GLY D 69 1.53 -22.63 -20.03
CA GLY D 69 2.59 -21.62 -20.00
C GLY D 69 2.45 -20.62 -18.87
N LEU D 70 1.25 -20.49 -18.34
CA LEU D 70 0.90 -19.41 -17.42
C LEU D 70 0.60 -19.96 -16.03
N GLN D 71 1.41 -19.54 -15.07
CA GLN D 71 1.25 -19.90 -13.67
C GLN D 71 0.90 -18.66 -12.86
N ALA D 72 -0.27 -18.68 -12.25
CA ALA D 72 -0.81 -17.53 -11.52
C ALA D 72 -0.84 -17.77 -10.02
N PHE D 73 -0.51 -16.74 -9.26
CA PHE D 73 -0.78 -16.68 -7.84
C PHE D 73 -1.88 -15.64 -7.64
N ILE D 74 -3.04 -16.08 -7.19
CA ILE D 74 -4.20 -15.21 -7.10
C ILE D 74 -4.51 -14.92 -5.65
N ARG D 75 -4.52 -13.63 -5.30
CA ARG D 75 -4.90 -13.17 -3.97
C ARG D 75 -6.39 -12.81 -3.95
N VAL D 76 -7.15 -13.62 -3.23
CA VAL D 76 -8.61 -13.51 -3.16
C VAL D 76 -9.06 -12.92 -1.85
N SER D 77 -9.87 -11.88 -1.94
CA SER D 77 -10.54 -11.30 -0.78
C SER D 77 -11.94 -11.84 -0.72
N ILE D 78 -12.27 -12.44 0.40
CA ILE D 78 -13.54 -13.11 0.58
C ILE D 78 -14.59 -12.10 1.03
N ARG D 79 -15.81 -12.27 0.53
CA ARG D 79 -16.96 -11.52 1.05
C ARG D 79 -17.19 -11.75 2.54
N LYS D 80 -17.49 -10.66 3.25
CA LYS D 80 -17.77 -10.71 4.68
C LYS D 80 -19.27 -11.00 4.89
N ALA D 81 -19.70 -12.19 4.48
CA ALA D 81 -21.05 -12.68 4.77
C ALA D 81 -20.96 -14.14 5.24
N LYS D 82 -22.07 -14.67 5.74
CA LYS D 82 -22.08 -16.02 6.31
C LYS D 82 -21.99 -17.09 5.22
N ASP D 83 -21.20 -18.13 5.51
CA ASP D 83 -20.96 -19.26 4.62
C ASP D 83 -20.10 -18.92 3.39
N ALA D 84 -19.61 -17.68 3.30
CA ALA D 84 -18.85 -17.26 2.12
C ALA D 84 -17.52 -18.01 2.05
N ARG D 85 -16.85 -18.14 3.19
CA ARG D 85 -15.59 -18.89 3.27
C ARG D 85 -15.80 -20.37 2.93
N GLU D 86 -16.81 -20.98 3.54
CA GLU D 86 -17.19 -22.38 3.26
C GLU D 86 -17.58 -22.60 1.81
N ASP D 87 -18.52 -21.79 1.31
CA ASP D 87 -18.95 -21.89 -0.09
C ASP D 87 -17.79 -21.75 -1.07
N PHE D 88 -16.89 -20.84 -0.77
CA PHE D 88 -15.75 -20.60 -1.64
C PHE D 88 -14.76 -21.77 -1.57
N ALA D 89 -14.52 -22.26 -0.35
CA ALA D 89 -13.72 -23.47 -0.14
C ALA D 89 -14.22 -24.61 -1.02
N ALA D 90 -15.53 -24.86 -0.96
CA ALA D 90 -16.17 -25.93 -1.71
C ALA D 90 -15.98 -25.78 -3.22
N SER D 91 -16.11 -24.55 -3.73
CA SER D 91 -15.95 -24.31 -5.18
C SER D 91 -14.51 -24.51 -5.64
N VAL D 92 -13.57 -23.94 -4.90
CA VAL D 92 -12.16 -24.06 -5.22
C VAL D 92 -11.67 -25.50 -5.34
N ARG D 93 -12.21 -26.36 -4.49
CA ARG D 93 -11.88 -27.78 -4.53
C ARG D 93 -12.31 -28.43 -5.86
N LYS D 94 -13.33 -27.87 -6.50
CA LYS D 94 -13.83 -28.33 -7.79
C LYS D 94 -13.29 -27.61 -9.04
N TRP D 95 -12.30 -26.74 -8.88
CA TRP D 95 -11.66 -26.07 -10.03
C TRP D 95 -10.28 -26.67 -10.27
N PRO D 96 -10.15 -27.49 -11.33
CA PRO D 96 -8.91 -28.22 -11.57
C PRO D 96 -7.70 -27.34 -11.85
N GLU D 97 -7.93 -26.15 -12.39
CA GLU D 97 -6.85 -25.20 -12.69
C GLU D 97 -6.22 -24.65 -11.41
N VAL D 98 -6.95 -24.68 -10.30
CA VAL D 98 -6.39 -24.25 -9.01
C VAL D 98 -5.78 -25.46 -8.29
N LEU D 99 -4.46 -25.45 -8.13
CA LEU D 99 -3.74 -26.59 -7.54
C LEU D 99 -3.71 -26.49 -6.02
N SER D 100 -3.59 -25.27 -5.52
CA SER D 100 -3.54 -25.05 -4.08
C SER D 100 -4.27 -23.78 -3.68
N CYS D 101 -4.77 -23.78 -2.45
CA CYS D 101 -5.53 -22.65 -1.89
C CYS D 101 -5.32 -22.63 -0.40
N PHE D 102 -4.78 -21.54 0.11
CA PHE D 102 -4.56 -21.39 1.54
C PHE D 102 -5.20 -20.13 2.08
N ALA D 103 -5.90 -20.26 3.20
CA ALA D 103 -6.20 -19.12 4.07
C ALA D 103 -4.92 -18.68 4.79
N LEU D 104 -4.58 -17.39 4.66
CA LEU D 104 -3.33 -16.85 5.17
C LEU D 104 -3.57 -15.83 6.28
N THR D 105 -2.48 -15.49 6.98
CA THR D 105 -2.53 -14.61 8.15
C THR D 105 -2.47 -13.12 7.84
N GLY D 106 -2.07 -12.75 6.62
CA GLY D 106 -1.88 -11.34 6.29
C GLY D 106 -3.12 -10.69 5.69
N GLU D 107 -2.87 -9.71 4.82
CA GLU D 107 -3.91 -8.95 4.12
C GLU D 107 -4.71 -9.80 3.12
N THR D 108 -4.04 -10.76 2.50
CA THR D 108 -4.69 -11.65 1.55
C THR D 108 -5.44 -12.75 2.32
N ASP D 109 -6.75 -12.81 2.12
CA ASP D 109 -7.57 -13.82 2.76
C ASP D 109 -7.21 -15.22 2.26
N TYR D 110 -7.13 -15.37 0.94
CA TYR D 110 -6.77 -16.64 0.33
C TYR D 110 -5.76 -16.44 -0.80
N LEU D 111 -4.70 -17.24 -0.77
CA LEU D 111 -3.76 -17.34 -1.90
C LEU D 111 -4.03 -18.64 -2.65
N LEU D 112 -4.26 -18.52 -3.95
CA LEU D 112 -4.47 -19.65 -4.84
C LEU D 112 -3.29 -19.75 -5.81
N GLN D 113 -2.93 -20.97 -6.14
CA GLN D 113 -1.92 -21.20 -7.17
C GLN D 113 -2.63 -21.97 -8.26
N ALA D 114 -2.49 -21.51 -9.52
CA ALA D 114 -3.28 -21.99 -10.64
C ALA D 114 -2.48 -22.00 -11.93
N PHE D 115 -2.84 -22.89 -12.85
CA PHE D 115 -2.16 -23.00 -14.14
C PHE D 115 -3.14 -22.83 -15.29
N PHE D 116 -2.65 -22.23 -16.36
CA PHE D 116 -3.44 -21.88 -17.54
C PHE D 116 -2.53 -21.93 -18.75
N THR D 117 -3.12 -22.14 -19.93
CA THR D 117 -2.36 -22.13 -21.18
C THR D 117 -1.80 -20.74 -21.45
N ASP D 118 -2.65 -19.73 -21.30
CA ASP D 118 -2.31 -18.35 -21.62
C ASP D 118 -3.26 -17.37 -20.91
N MSE D 119 -3.03 -16.08 -21.13
CA MSE D 119 -3.81 -15.01 -20.51
C MSE D 119 -5.29 -15.03 -20.87
O MSE D 119 -6.13 -14.70 -20.03
CB MSE D 119 -3.21 -13.64 -20.85
CG MSE D 119 -3.71 -12.47 -19.99
SE MSE D 119 -3.49 -12.77 -18.06
CE MSE D 119 -1.54 -12.82 -17.87
N ASN D 120 -5.63 -15.43 -22.09
CA ASN D 120 -7.03 -15.55 -22.52
C ASN D 120 -7.79 -16.58 -21.71
N ALA D 121 -7.14 -17.71 -21.45
CA ALA D 121 -7.66 -18.76 -20.58
C ALA D 121 -7.76 -18.25 -19.14
N PHE D 122 -6.73 -17.56 -18.68
CA PHE D 122 -6.76 -16.98 -17.35
C PHE D 122 -7.90 -15.98 -17.20
N SER D 123 -8.10 -15.17 -18.22
CA SER D 123 -9.16 -14.16 -18.23
C SER D 123 -10.56 -14.75 -18.15
N HIS D 124 -10.81 -15.83 -18.89
CA HIS D 124 -12.10 -16.50 -18.83
C HIS D 124 -12.37 -17.04 -17.43
N PHE D 125 -11.35 -17.59 -16.78
CA PHE D 125 -11.50 -18.16 -15.44
C PHE D 125 -11.84 -17.08 -14.42
N VAL D 126 -11.05 -16.01 -14.42
CA VAL D 126 -11.22 -14.91 -13.48
C VAL D 126 -12.57 -14.23 -13.62
N LEU D 127 -12.89 -13.85 -14.85
CA LEU D 127 -14.08 -13.07 -15.12
C LEU D 127 -15.36 -13.89 -14.99
N ASP D 128 -15.33 -15.10 -15.55
CA ASP D 128 -16.53 -15.95 -15.64
C ASP D 128 -16.71 -16.92 -14.47
N THR D 129 -15.65 -17.23 -13.72
CA THR D 129 -15.77 -18.17 -12.60
C THR D 129 -15.44 -17.50 -11.27
N LEU D 130 -14.22 -16.97 -11.15
CA LEU D 130 -13.71 -16.48 -9.85
C LEU D 130 -14.51 -15.29 -9.29
N LEU D 131 -14.51 -14.19 -10.04
CA LEU D 131 -15.12 -12.94 -9.58
C LEU D 131 -16.64 -13.03 -9.53
N SER D 132 -17.21 -13.94 -10.31
CA SER D 132 -18.65 -14.15 -10.35
C SER D 132 -19.16 -14.99 -9.17
N HIS D 133 -18.25 -15.63 -8.44
CA HIS D 133 -18.60 -16.43 -7.28
C HIS D 133 -19.12 -15.54 -6.17
N HIS D 134 -20.29 -15.90 -5.65
CA HIS D 134 -21.01 -15.05 -4.70
C HIS D 134 -20.21 -14.75 -3.43
N GLY D 135 -19.27 -15.63 -3.08
CA GLY D 135 -18.43 -15.44 -1.89
C GLY D 135 -17.16 -14.63 -2.10
N VAL D 136 -16.90 -14.21 -3.34
CA VAL D 136 -15.63 -13.55 -3.68
C VAL D 136 -15.84 -12.06 -3.79
N GLN D 137 -15.13 -11.30 -2.95
CA GLN D 137 -15.24 -9.85 -2.99
C GLN D 137 -14.29 -9.28 -4.04
N ASP D 138 -13.08 -9.81 -4.13
CA ASP D 138 -12.12 -9.28 -5.08
C ASP D 138 -10.96 -10.22 -5.27
N ALA D 139 -10.27 -10.09 -6.39
CA ALA D 139 -9.07 -10.88 -6.62
C ALA D 139 -8.02 -10.05 -7.36
N GLN D 140 -6.76 -10.34 -7.08
CA GLN D 140 -5.67 -9.70 -7.80
C GLN D 140 -4.56 -10.72 -7.97
N SER D 141 -3.90 -10.68 -9.12
CA SER D 141 -3.02 -11.77 -9.52
C SER D 141 -1.64 -11.31 -9.97
N SER D 142 -0.66 -12.17 -9.71
CA SER D 142 0.67 -12.02 -10.27
C SER D 142 1.01 -13.36 -10.92
N PHE D 143 2.04 -13.37 -11.77
CA PHE D 143 2.34 -14.52 -12.59
C PHE D 143 3.82 -14.84 -12.52
N VAL D 144 4.17 -16.08 -12.84
CA VAL D 144 5.55 -16.55 -12.73
C VAL D 144 6.38 -16.08 -13.93
N LEU D 145 7.46 -15.37 -13.62
CA LEU D 145 8.43 -14.94 -14.59
C LEU D 145 9.50 -16.00 -14.72
N LYS D 146 9.83 -16.63 -13.60
CA LYS D 146 10.85 -17.65 -13.60
C LYS D 146 10.67 -18.53 -12.38
N GLU D 147 10.69 -19.85 -12.60
CA GLU D 147 10.80 -20.81 -11.51
C GLU D 147 12.26 -20.89 -11.08
N ILE D 148 12.55 -20.51 -9.84
CA ILE D 148 13.90 -20.60 -9.29
C ILE D 148 14.13 -21.97 -8.65
N LYS D 149 13.15 -22.40 -7.89
CA LYS D 149 13.20 -23.68 -7.23
C LYS D 149 11.76 -24.14 -7.10
N HIS D 150 11.58 -25.44 -7.25
CA HIS D 150 10.29 -26.03 -7.00
C HIS D 150 10.46 -27.51 -6.74
N THR D 151 10.47 -27.88 -5.47
CA THR D 151 10.44 -29.28 -5.07
C THR D 151 9.27 -29.50 -4.12
N THR D 152 8.87 -30.76 -4.02
CA THR D 152 7.80 -31.15 -3.11
C THR D 152 8.38 -31.77 -1.84
N SER D 153 9.71 -31.91 -1.80
CA SER D 153 10.41 -32.50 -0.67
C SER D 153 10.40 -31.56 0.53
N LEU D 154 9.88 -32.05 1.66
CA LEU D 154 9.89 -31.32 2.91
C LEU D 154 11.26 -31.45 3.55
N PRO D 155 11.64 -30.44 4.38
CA PRO D 155 12.88 -30.55 5.16
C PRO D 155 12.69 -31.57 6.30
N LEU D 156 13.70 -32.38 6.60
CA LEU D 156 13.57 -33.42 7.62
C LEU D 156 14.70 -33.44 8.65
N ASN D 157 15.68 -32.57 8.49
CA ASN D 157 16.87 -32.62 9.35
C ASN D 157 16.59 -32.21 10.78
N HIS D 158 15.47 -31.53 11.01
CA HIS D 158 15.00 -31.24 12.36
C HIS D 158 14.60 -32.51 13.15
N LEU D 159 14.26 -33.60 12.44
CA LEU D 159 13.89 -34.85 13.10
C LEU D 159 15.07 -35.63 13.72
N LEU D 160 16.31 -35.32 13.30
CA LEU D 160 17.49 -36.03 13.82
C LEU D 160 18.10 -35.33 15.03
N GLN E 5 13.42 -28.42 33.10
CA GLN E 5 12.14 -27.65 33.12
C GLN E 5 11.33 -27.98 34.37
N LEU E 6 10.45 -27.06 34.76
CA LEU E 6 9.54 -27.26 35.89
C LEU E 6 8.14 -27.56 35.36
N THR E 7 7.61 -28.74 35.71
CA THR E 7 6.28 -29.14 35.25
C THR E 7 5.20 -28.64 36.24
N LEU E 8 4.26 -27.86 35.73
CA LEU E 8 3.29 -27.15 36.58
C LEU E 8 2.01 -27.96 36.80
N ASP E 9 1.67 -28.17 38.06
CA ASP E 9 0.36 -28.69 38.43
C ASP E 9 -0.61 -27.53 38.62
N LYS E 10 -1.89 -27.88 38.81
CA LYS E 10 -2.97 -26.90 38.97
C LYS E 10 -2.69 -25.83 40.03
N THR E 11 -2.02 -26.21 41.11
CA THR E 11 -1.73 -25.28 42.20
C THR E 11 -0.63 -24.28 41.82
N ASP E 12 0.35 -24.70 41.02
CA ASP E 12 1.33 -23.76 40.45
C ASP E 12 0.63 -22.76 39.53
N ILE E 13 -0.28 -23.25 38.70
CA ILE E 13 -1.05 -22.39 37.80
C ILE E 13 -1.86 -21.35 38.60
N LYS E 14 -2.47 -21.78 39.69
CA LYS E 14 -3.30 -20.90 40.51
C LYS E 14 -2.43 -19.79 41.15
N ILE E 15 -1.23 -20.16 41.59
CA ILE E 15 -0.27 -19.21 42.14
C ILE E 15 0.07 -18.13 41.11
N LEU E 16 0.30 -18.55 39.87
CA LEU E 16 0.68 -17.63 38.79
C LEU E 16 -0.48 -16.74 38.42
N GLN E 17 -1.68 -17.32 38.35
CA GLN E 17 -2.87 -16.54 38.03
C GLN E 17 -3.11 -15.45 39.09
N VAL E 18 -2.88 -15.80 40.35
CA VAL E 18 -3.15 -14.87 41.45
C VAL E 18 -2.10 -13.76 41.49
N LEU E 19 -0.84 -14.14 41.45
CA LEU E 19 0.26 -13.17 41.45
C LEU E 19 0.34 -12.29 40.20
N GLN E 20 -0.09 -12.80 39.05
CA GLN E 20 -0.17 -11.96 37.86
C GLN E 20 -1.10 -10.76 38.05
N GLU E 21 -2.13 -10.94 38.88
CA GLU E 21 -3.11 -9.89 39.13
C GLU E 21 -2.79 -9.08 40.38
N ASN E 22 -2.17 -9.72 41.37
CA ASN E 22 -1.83 -9.09 42.65
C ASN E 22 -0.42 -9.51 43.06
N GLY E 23 0.59 -8.91 42.44
CA GLY E 23 1.98 -9.28 42.65
C GLY E 23 2.56 -8.95 44.01
N ARG E 24 1.77 -8.31 44.86
CA ARG E 24 2.24 -7.86 46.16
C ARG E 24 1.53 -8.55 47.34
N LEU E 25 0.72 -9.56 47.06
CA LEU E 25 0.10 -10.37 48.10
C LEU E 25 1.18 -11.02 48.98
N THR E 26 0.96 -11.00 50.29
CA THR E 26 1.85 -11.68 51.21
C THR E 26 1.70 -13.19 51.04
N ASN E 27 2.66 -13.93 51.61
CA ASN E 27 2.65 -15.38 51.53
C ASN E 27 1.45 -15.98 52.26
N VAL E 28 1.06 -15.35 53.36
CA VAL E 28 -0.15 -15.74 54.09
C VAL E 28 -1.35 -15.60 53.16
N GLU E 29 -1.54 -14.40 52.62
CA GLU E 29 -2.63 -14.13 51.67
C GLU E 29 -2.58 -15.02 50.42
N LEU E 30 -1.40 -15.20 49.84
CA LEU E 30 -1.25 -16.06 48.66
C LEU E 30 -1.61 -17.52 48.96
N SER E 31 -1.13 -18.02 50.10
CA SER E 31 -1.35 -19.42 50.47
C SER E 31 -2.82 -19.67 50.78
N GLU E 32 -3.47 -18.67 51.37
CA GLU E 32 -4.90 -18.71 51.62
C GLU E 32 -5.68 -18.80 50.30
N ARG E 33 -5.33 -17.94 49.35
CA ARG E 33 -5.93 -17.93 48.02
C ARG E 33 -5.86 -19.30 47.33
N VAL E 34 -4.67 -19.89 47.33
CA VAL E 34 -4.38 -21.09 46.53
C VAL E 34 -4.56 -22.41 47.30
N ALA E 35 -5.08 -22.33 48.54
CA ALA E 35 -5.35 -23.49 49.38
C ALA E 35 -4.09 -24.26 49.78
N LEU E 36 -3.05 -23.52 50.17
CA LEU E 36 -1.82 -24.13 50.69
C LEU E 36 -1.54 -23.61 52.10
N SER E 37 -0.76 -24.37 52.85
CA SER E 37 -0.15 -23.83 54.06
C SER E 37 0.97 -22.87 53.63
N PRO E 38 1.34 -21.91 54.50
CA PRO E 38 2.37 -20.93 54.16
C PRO E 38 3.71 -21.52 53.67
N SER E 39 4.20 -22.56 54.33
CA SER E 39 5.53 -23.09 54.00
C SER E 39 5.63 -23.70 52.58
N PRO E 40 4.70 -24.59 52.20
CA PRO E 40 4.68 -25.14 50.83
C PRO E 40 4.54 -24.07 49.76
N CYS E 41 3.66 -23.11 50.04
CA CYS E 41 3.46 -21.98 49.15
C CYS E 41 4.76 -21.19 48.94
N LEU E 42 5.48 -20.94 50.02
CA LEU E 42 6.77 -20.27 49.94
C LEU E 42 7.76 -21.03 49.05
N ARG E 43 7.84 -22.34 49.23
CA ARG E 43 8.74 -23.16 48.44
C ARG E 43 8.32 -23.14 46.97
N ARG E 44 7.03 -23.30 46.69
CA ARG E 44 6.55 -23.34 45.30
C ARG E 44 6.88 -22.06 44.56
N LEU E 45 6.62 -20.92 45.21
CA LEU E 45 6.88 -19.63 44.59
C LEU E 45 8.36 -19.44 44.29
N LYS E 46 9.22 -19.84 45.22
CA LYS E 46 10.66 -19.76 45.04
C LYS E 46 11.10 -20.55 43.80
N GLN E 47 10.61 -21.77 43.68
CA GLN E 47 10.89 -22.60 42.51
C GLN E 47 10.42 -22.00 41.19
N LEU E 48 9.24 -21.38 41.19
CA LEU E 48 8.71 -20.70 40.00
C LEU E 48 9.57 -19.50 39.64
N GLU E 49 10.02 -18.78 40.66
CA GLU E 49 10.97 -17.69 40.46
C GLU E 49 12.30 -18.23 39.92
N ASP E 50 12.86 -19.23 40.59
CA ASP E 50 14.17 -19.77 40.19
C ASP E 50 14.18 -20.36 38.78
N ALA E 51 13.02 -20.84 38.33
CA ALA E 51 12.91 -21.46 37.00
C ALA E 51 12.79 -20.40 35.91
N GLY E 52 12.63 -19.14 36.31
CA GLY E 52 12.47 -18.06 35.36
C GLY E 52 11.04 -17.89 34.86
N ILE E 53 10.10 -18.60 35.49
CA ILE E 53 8.69 -18.50 35.10
C ILE E 53 8.18 -17.12 35.50
N VAL E 54 8.35 -16.77 36.78
CA VAL E 54 8.18 -15.39 37.20
C VAL E 54 9.50 -14.72 36.93
N ARG E 55 9.51 -13.78 35.99
CA ARG E 55 10.75 -13.08 35.64
C ARG E 55 10.94 -11.77 36.39
N GLN E 56 9.84 -11.19 36.85
CA GLN E 56 9.87 -9.88 37.48
C GLN E 56 8.56 -9.63 38.22
N TYR E 57 8.64 -8.85 39.29
CA TYR E 57 7.48 -8.20 39.90
C TYR E 57 7.55 -6.70 39.60
N ALA E 58 6.40 -6.11 39.30
CA ALA E 58 6.38 -4.72 38.86
C ALA E 58 5.18 -3.97 39.41
N ALA E 59 5.45 -2.75 39.85
CA ALA E 59 4.44 -1.74 40.04
C ALA E 59 4.06 -1.20 38.65
N LEU E 60 2.79 -1.31 38.28
CA LEU E 60 2.30 -0.75 37.01
C LEU E 60 1.68 0.62 37.27
N LEU E 61 2.04 1.62 36.48
CA LEU E 61 1.55 2.98 36.70
C LEU E 61 0.52 3.41 35.67
N SER E 62 -0.32 4.38 36.05
CA SER E 62 -1.21 5.03 35.11
C SER E 62 -0.41 6.07 34.31
N PRO E 63 -0.33 5.91 32.97
CA PRO E 63 0.39 6.91 32.18
C PRO E 63 -0.13 8.35 32.34
N GLU E 64 -1.45 8.52 32.35
CA GLU E 64 -2.04 9.85 32.53
C GLU E 64 -1.70 10.47 33.88
N SER E 65 -1.63 9.65 34.93
CA SER E 65 -1.30 10.16 36.27
C SER E 65 0.09 10.80 36.33
N VAL E 66 0.97 10.43 35.41
CA VAL E 66 2.33 10.94 35.38
C VAL E 66 2.58 11.80 34.12
N ASN E 67 1.48 12.30 33.55
CA ASN E 67 1.52 13.23 32.43
C ASN E 67 2.00 12.65 31.10
N LEU E 68 1.85 11.34 30.93
CA LEU E 68 2.25 10.68 29.70
C LEU E 68 1.01 10.41 28.87
N GLY E 69 0.44 11.49 28.36
CA GLY E 69 -0.86 11.45 27.69
C GLY E 69 -0.84 10.99 26.26
N LEU E 70 0.35 10.72 25.71
CA LEU E 70 0.48 10.30 24.32
C LEU E 70 1.19 8.96 24.25
N GLN E 71 0.48 7.95 23.72
CA GLN E 71 1.04 6.62 23.51
C GLN E 71 1.17 6.39 22.01
N ALA E 72 2.37 6.03 21.58
CA ALA E 72 2.64 5.86 20.15
C ALA E 72 3.04 4.44 19.82
N PHE E 73 2.67 4.02 18.61
CA PHE E 73 3.14 2.77 18.04
C PHE E 73 3.93 3.15 16.81
N ILE E 74 5.23 2.86 16.84
CA ILE E 74 6.15 3.36 15.82
C ILE E 74 6.68 2.22 14.96
N ARG E 75 6.35 2.27 13.68
CA ARG E 75 6.78 1.28 12.72
C ARG E 75 8.07 1.80 12.09
N VAL E 76 9.18 1.14 12.43
CA VAL E 76 10.51 1.60 12.04
C VAL E 76 11.06 0.71 10.94
N SER E 77 11.59 1.35 9.90
CA SER E 77 12.29 0.66 8.82
C SER E 77 13.80 0.75 9.06
N ILE E 78 14.42 -0.41 9.20
CA ILE E 78 15.84 -0.47 9.49
C ILE E 78 16.63 -0.39 8.20
N ARG E 79 17.75 0.32 8.25
CA ARG E 79 18.67 0.41 7.14
C ARG E 79 19.24 -0.99 6.87
N LYS E 80 19.30 -1.36 5.61
CA LYS E 80 19.66 -2.71 5.21
C LYS E 80 21.17 -2.89 5.11
N ALA E 81 21.85 -2.74 6.25
CA ALA E 81 23.28 -2.99 6.38
C ALA E 81 23.49 -3.82 7.63
N LYS E 82 24.62 -4.51 7.70
CA LYS E 82 24.83 -5.54 8.72
C LYS E 82 24.84 -4.95 10.13
N ASP E 83 25.28 -3.70 10.24
CA ASP E 83 25.45 -3.03 11.53
C ASP E 83 24.17 -2.41 12.07
N ALA E 84 23.23 -2.08 11.19
CA ALA E 84 22.05 -1.29 11.58
C ALA E 84 21.20 -1.95 12.66
N ARG E 85 20.91 -3.24 12.49
CA ARG E 85 20.03 -3.98 13.41
C ARG E 85 20.54 -4.01 14.85
N GLU E 86 21.83 -4.32 15.02
CA GLU E 86 22.42 -4.44 16.37
C GLU E 86 22.61 -3.07 17.03
N ASP E 87 23.00 -2.07 16.25
CA ASP E 87 23.15 -0.71 16.76
C ASP E 87 21.81 -0.09 17.18
N PHE E 88 20.77 -0.33 16.40
CA PHE E 88 19.45 0.16 16.73
C PHE E 88 18.92 -0.51 17.99
N ALA E 89 19.05 -1.83 18.06
CA ALA E 89 18.64 -2.58 19.26
C ALA E 89 19.33 -2.05 20.50
N ALA E 90 20.65 -1.83 20.40
CA ALA E 90 21.43 -1.28 21.51
C ALA E 90 20.96 0.13 21.92
N SER E 91 20.66 0.98 20.94
CA SER E 91 20.17 2.34 21.24
C SER E 91 18.76 2.32 21.85
N VAL E 92 17.87 1.53 21.27
CA VAL E 92 16.48 1.41 21.77
C VAL E 92 16.42 0.97 23.23
N ARG E 93 17.30 0.03 23.59
CA ARG E 93 17.36 -0.45 24.97
C ARG E 93 17.72 0.65 25.97
N LYS E 94 18.32 1.73 25.48
CA LYS E 94 18.71 2.86 26.33
C LYS E 94 17.76 4.05 26.26
N TRP E 95 16.70 3.95 25.48
CA TRP E 95 15.71 5.03 25.37
C TRP E 95 14.52 4.71 26.30
N PRO E 96 14.42 5.39 27.45
CA PRO E 96 13.37 5.06 28.41
C PRO E 96 11.93 5.29 27.95
N GLU E 97 11.73 6.14 26.95
CA GLU E 97 10.40 6.42 26.44
C GLU E 97 9.89 5.27 25.59
N VAL E 98 10.78 4.42 25.08
CA VAL E 98 10.40 3.19 24.40
C VAL E 98 10.29 2.03 25.39
N LEU E 99 9.08 1.53 25.58
CA LEU E 99 8.85 0.42 26.51
C LEU E 99 9.11 -0.90 25.86
N SER E 100 8.74 -1.04 24.60
CA SER E 100 8.95 -2.30 23.91
C SER E 100 9.30 -2.12 22.45
N CYS E 101 10.09 -3.06 21.96
CA CYS E 101 10.54 -3.09 20.58
C CYS E 101 10.58 -4.53 20.12
N PHE E 102 9.85 -4.83 19.05
CA PHE E 102 9.81 -6.17 18.48
C PHE E 102 10.12 -6.13 16.99
N ALA E 103 11.03 -7.00 16.56
CA ALA E 103 11.18 -7.33 15.15
C ALA E 103 9.97 -8.19 14.76
N LEU E 104 9.25 -7.80 13.71
CA LEU E 104 8.06 -8.53 13.29
C LEU E 104 8.24 -9.21 11.94
N THR E 105 7.31 -10.10 11.61
CA THR E 105 7.38 -10.94 10.41
C THR E 105 6.85 -10.26 9.15
N GLY E 106 6.22 -9.11 9.31
CA GLY E 106 5.50 -8.46 8.22
C GLY E 106 6.34 -7.40 7.56
N GLU E 107 5.67 -6.40 6.99
CA GLU E 107 6.37 -5.30 6.31
C GLU E 107 7.09 -4.39 7.29
N THR E 108 6.53 -4.22 8.48
CA THR E 108 7.18 -3.40 9.50
C THR E 108 8.36 -4.16 10.11
N ASP E 109 9.56 -3.59 10.04
CA ASP E 109 10.74 -4.30 10.54
C ASP E 109 10.70 -4.37 12.07
N TYR E 110 10.57 -3.22 12.71
CA TYR E 110 10.47 -3.17 14.15
C TYR E 110 9.26 -2.34 14.56
N LEU E 111 8.53 -2.83 15.55
CA LEU E 111 7.43 -2.07 16.11
C LEU E 111 7.79 -1.61 17.51
N LEU E 112 7.75 -0.30 17.73
CA LEU E 112 8.07 0.29 19.02
C LEU E 112 6.80 0.78 19.69
N GLN E 113 6.76 0.62 21.00
CA GLN E 113 5.69 1.12 21.82
C GLN E 113 6.33 2.14 22.74
N ALA E 114 5.80 3.35 22.76
CA ALA E 114 6.50 4.47 23.40
C ALA E 114 5.52 5.49 23.96
N PHE E 115 5.93 6.14 25.05
CA PHE E 115 5.09 7.11 25.76
C PHE E 115 5.75 8.48 25.83
N PHE E 116 4.93 9.51 25.70
CA PHE E 116 5.34 10.91 25.68
C PHE E 116 4.28 11.74 26.35
N THR E 117 4.66 12.93 26.80
CA THR E 117 3.71 13.86 27.40
C THR E 117 2.74 14.41 26.34
N ASP E 118 3.26 14.68 25.14
CA ASP E 118 2.48 15.30 24.06
C ASP E 118 3.20 15.23 22.73
N MSE E 119 2.58 15.80 21.69
CA MSE E 119 3.11 15.72 20.33
C MSE E 119 4.45 16.45 20.18
O MSE E 119 5.30 16.02 19.38
CB MSE E 119 2.09 16.25 19.32
CG MSE E 119 2.41 15.92 17.88
SE MSE E 119 2.57 14.00 17.47
CE MSE E 119 3.81 14.22 15.99
N ASN E 120 4.64 17.54 20.92
CA ASN E 120 5.96 18.20 21.03
C ASN E 120 7.08 17.26 21.42
N ALA E 121 6.88 16.53 22.51
CA ALA E 121 7.87 15.58 22.99
C ALA E 121 8.11 14.49 21.97
N PHE E 122 7.04 13.95 21.40
CA PHE E 122 7.12 12.90 20.40
C PHE E 122 7.96 13.37 19.22
N SER E 123 7.66 14.57 18.75
CA SER E 123 8.32 15.14 17.58
C SER E 123 9.82 15.29 17.81
N HIS E 124 10.17 15.82 18.98
CA HIS E 124 11.56 15.94 19.37
C HIS E 124 12.28 14.59 19.36
N PHE E 125 11.62 13.57 19.88
CA PHE E 125 12.16 12.22 19.90
C PHE E 125 12.37 11.67 18.49
N VAL E 126 11.35 11.79 17.67
CA VAL E 126 11.39 11.26 16.30
C VAL E 126 12.46 11.92 15.43
N LEU E 127 12.47 13.25 15.38
CA LEU E 127 13.35 14.01 14.51
C LEU E 127 14.79 14.01 14.99
N ASP E 128 14.97 14.17 16.29
CA ASP E 128 16.31 14.38 16.84
C ASP E 128 16.98 13.11 17.39
N THR E 129 16.21 12.06 17.65
CA THR E 129 16.79 10.81 18.16
C THR E 129 16.56 9.65 17.20
N LEU E 130 15.31 9.40 16.85
CA LEU E 130 14.94 8.25 16.04
C LEU E 130 15.37 8.36 14.59
N LEU E 131 14.82 9.34 13.87
CA LEU E 131 15.09 9.46 12.43
C LEU E 131 16.56 9.71 12.15
N SER E 132 17.23 10.37 13.09
CA SER E 132 18.66 10.66 12.97
C SER E 132 19.58 9.49 13.34
N HIS E 133 19.03 8.39 13.87
CA HIS E 133 19.83 7.19 14.12
C HIS E 133 20.35 6.60 12.81
N HIS E 134 21.66 6.37 12.73
CA HIS E 134 22.31 5.92 11.50
C HIS E 134 21.68 4.64 10.93
N GLY E 135 21.15 3.79 11.81
CA GLY E 135 20.49 2.55 11.42
C GLY E 135 19.03 2.63 11.02
N VAL E 136 18.41 3.80 11.14
CA VAL E 136 16.99 3.96 10.82
C VAL E 136 16.81 4.55 9.42
N GLN E 137 16.17 3.78 8.55
CA GLN E 137 15.84 4.23 7.20
C GLN E 137 14.61 5.13 7.21
N ASP E 138 13.60 4.73 7.97
CA ASP E 138 12.36 5.48 8.04
C ASP E 138 11.54 5.05 9.23
N ALA E 139 10.52 5.82 9.54
CA ALA E 139 9.61 5.49 10.61
C ALA E 139 8.25 6.13 10.35
N GLN E 140 7.21 5.44 10.77
CA GLN E 140 5.87 5.98 10.69
C GLN E 140 5.10 5.53 11.92
N SER E 141 4.16 6.36 12.35
CA SER E 141 3.56 6.21 13.66
C SER E 141 2.03 6.36 13.71
N SER E 142 1.48 5.72 14.72
CA SER E 142 0.07 5.79 15.07
C SER E 142 0.01 6.02 16.56
N PHE E 143 -1.13 6.51 17.00
CA PHE E 143 -1.30 6.95 18.36
C PHE E 143 -2.60 6.39 18.88
N VAL E 144 -2.63 6.15 20.19
CA VAL E 144 -3.77 5.56 20.84
C VAL E 144 -4.87 6.61 20.94
N LEU E 145 -6.04 6.31 20.36
CA LEU E 145 -7.24 7.11 20.55
C LEU E 145 -7.96 6.69 21.83
N LYS E 146 -7.95 5.40 22.11
CA LYS E 146 -8.64 4.84 23.27
C LYS E 146 -8.05 3.49 23.60
N GLU E 147 -7.76 3.26 24.88
CA GLU E 147 -7.34 1.95 25.35
C GLU E 147 -8.59 1.14 25.69
N ILE E 148 -8.77 0.04 24.96
CA ILE E 148 -9.86 -0.89 25.19
C ILE E 148 -9.47 -1.87 26.28
N LYS E 149 -8.23 -2.34 26.21
CA LYS E 149 -7.75 -3.35 27.14
C LYS E 149 -6.25 -3.22 27.28
N HIS E 150 -5.76 -3.41 28.50
CA HIS E 150 -4.33 -3.48 28.70
C HIS E 150 -3.99 -4.19 30.00
N THR E 151 -3.61 -5.45 29.87
CA THR E 151 -3.12 -6.23 31.01
C THR E 151 -1.78 -6.88 30.65
N THR E 152 -1.06 -7.27 31.70
CA THR E 152 0.21 -7.96 31.59
C THR E 152 0.06 -9.46 31.87
N SER E 153 -1.13 -9.87 32.33
CA SER E 153 -1.39 -11.26 32.63
C SER E 153 -1.45 -12.09 31.36
N LEU E 154 -0.63 -13.13 31.29
CA LEU E 154 -0.68 -14.06 30.17
C LEU E 154 -1.81 -15.06 30.41
N PRO E 155 -2.40 -15.58 29.33
CA PRO E 155 -3.36 -16.64 29.53
C PRO E 155 -2.61 -17.92 29.91
N LEU E 156 -3.19 -18.70 30.83
CA LEU E 156 -2.55 -19.91 31.35
C LEU E 156 -3.43 -21.17 31.31
N ASN E 157 -4.63 -21.05 30.74
CA ASN E 157 -5.58 -22.18 30.70
C ASN E 157 -5.15 -23.31 29.78
N HIS E 158 -4.35 -23.00 28.77
CA HIS E 158 -3.78 -24.02 27.90
C HIS E 158 -2.93 -25.03 28.68
N LEU E 159 -2.40 -24.60 29.82
CA LEU E 159 -1.59 -25.47 30.67
C LEU E 159 -2.43 -26.44 31.53
N LEU E 160 -3.73 -26.19 31.64
CA LEU E 160 -4.63 -27.03 32.43
C LEU E 160 -5.28 -28.13 31.59
N THR F 7 0.91 16.15 43.78
CA THR F 7 2.19 16.51 43.11
C THR F 7 3.33 15.58 43.52
N LEU F 8 4.24 15.29 42.58
CA LEU F 8 5.31 14.32 42.78
C LEU F 8 6.65 15.02 42.94
N ASP F 9 7.26 14.83 44.12
CA ASP F 9 8.61 15.34 44.35
C ASP F 9 9.65 14.29 43.97
N LYS F 10 10.90 14.69 44.03
CA LYS F 10 12.05 13.86 43.65
C LYS F 10 12.05 12.47 44.30
N THR F 11 11.59 12.40 45.55
CA THR F 11 11.59 11.14 46.30
C THR F 11 10.44 10.24 45.87
N ASP F 12 9.26 10.84 45.61
CA ASP F 12 8.15 10.06 45.05
C ASP F 12 8.58 9.42 43.74
N ILE F 13 9.25 10.18 42.87
CA ILE F 13 9.76 9.68 41.59
C ILE F 13 10.70 8.49 41.81
N LYS F 14 11.64 8.65 42.74
CA LYS F 14 12.57 7.58 43.13
C LYS F 14 11.83 6.31 43.55
N ILE F 15 10.84 6.45 44.43
CA ILE F 15 10.03 5.32 44.86
C ILE F 15 9.40 4.60 43.64
N LEU F 16 8.85 5.38 42.70
CA LEU F 16 8.18 4.83 41.52
C LEU F 16 9.17 4.13 40.58
N GLN F 17 10.33 4.75 40.38
CA GLN F 17 11.40 4.14 39.62
C GLN F 17 11.75 2.76 40.18
N VAL F 18 11.99 2.69 41.49
CA VAL F 18 12.41 1.44 42.12
C VAL F 18 11.32 0.37 42.05
N LEU F 19 10.08 0.74 42.37
CA LEU F 19 8.98 -0.22 42.43
C LEU F 19 8.52 -0.70 41.05
N GLN F 20 8.67 0.13 40.03
CA GLN F 20 8.38 -0.31 38.65
C GLN F 20 9.27 -1.49 38.24
N GLU F 21 10.50 -1.50 38.74
CA GLU F 21 11.44 -2.58 38.47
C GLU F 21 11.35 -3.70 39.53
N ASN F 22 10.99 -3.35 40.76
CA ASN F 22 10.96 -4.32 41.87
C ASN F 22 9.70 -4.14 42.70
N GLY F 23 8.60 -4.69 42.21
CA GLY F 23 7.26 -4.41 42.76
C GLY F 23 6.87 -5.21 43.99
N ARG F 24 7.75 -6.12 44.42
CA ARG F 24 7.45 -6.97 45.58
C ARG F 24 8.40 -6.74 46.74
N LEU F 25 9.22 -5.70 46.67
CA LEU F 25 10.13 -5.36 47.78
C LEU F 25 9.36 -5.07 49.04
N THR F 26 9.93 -5.46 50.18
CA THR F 26 9.39 -5.06 51.48
C THR F 26 9.55 -3.54 51.64
N ASN F 27 8.67 -2.93 52.43
CA ASN F 27 8.80 -1.53 52.77
C ASN F 27 10.19 -1.21 53.32
N VAL F 28 10.71 -2.08 54.19
CA VAL F 28 12.06 -1.93 54.72
C VAL F 28 13.08 -1.86 53.58
N GLU F 29 13.02 -2.83 52.68
CA GLU F 29 13.90 -2.85 51.51
C GLU F 29 13.71 -1.61 50.64
N LEU F 30 12.45 -1.26 50.36
CA LEU F 30 12.14 -0.10 49.54
C LEU F 30 12.78 1.15 50.13
N SER F 31 12.48 1.40 51.40
CA SER F 31 12.95 2.60 52.09
C SER F 31 14.48 2.70 52.09
N GLU F 32 15.16 1.56 52.21
CA GLU F 32 16.61 1.50 52.11
C GLU F 32 17.12 1.99 50.74
N ARG F 33 16.36 1.69 49.68
CA ARG F 33 16.78 2.06 48.33
C ARG F 33 16.46 3.50 47.93
N VAL F 34 15.54 4.15 48.64
CA VAL F 34 15.22 5.56 48.39
C VAL F 34 15.78 6.51 49.47
N ALA F 35 16.48 5.94 50.45
CA ALA F 35 17.09 6.72 51.52
C ALA F 35 16.03 7.40 52.38
N LEU F 36 15.05 6.61 52.82
CA LEU F 36 14.01 7.07 53.72
C LEU F 36 13.90 6.13 54.90
N SER F 37 13.35 6.60 56.00
CA SER F 37 12.94 5.70 57.08
C SER F 37 11.68 4.97 56.61
N PRO F 38 11.39 3.79 57.20
CA PRO F 38 10.24 3.00 56.77
C PRO F 38 8.87 3.72 56.87
N SER F 39 8.64 4.46 57.95
CA SER F 39 7.36 5.14 58.14
C SER F 39 7.03 6.18 57.05
N PRO F 40 7.95 7.15 56.80
CA PRO F 40 7.73 8.09 55.69
C PRO F 40 7.57 7.44 54.32
N CYS F 41 8.41 6.45 54.06
CA CYS F 41 8.37 5.71 52.81
C CYS F 41 7.03 5.02 52.64
N LEU F 42 6.50 4.46 53.74
CA LEU F 42 5.19 3.82 53.73
C LEU F 42 4.07 4.82 53.50
N ARG F 43 4.17 6.00 54.08
CA ARG F 43 3.20 7.07 53.86
C ARG F 43 3.14 7.45 52.38
N ARG F 44 4.32 7.72 51.82
CA ARG F 44 4.45 8.11 50.42
C ARG F 44 3.81 7.09 49.47
N LEU F 45 4.15 5.82 49.66
CA LEU F 45 3.65 4.76 48.78
C LEU F 45 2.12 4.73 48.80
N LYS F 46 1.55 4.79 49.99
CA LYS F 46 0.09 4.79 50.17
C LYS F 46 -0.60 5.94 49.47
N GLN F 47 0.00 7.13 49.54
CA GLN F 47 -0.51 8.28 48.79
C GLN F 47 -0.45 8.06 47.28
N LEU F 48 0.64 7.50 46.79
CA LEU F 48 0.80 7.20 45.36
C LEU F 48 -0.22 6.16 44.90
N GLU F 49 -0.48 5.18 45.75
CA GLU F 49 -1.50 4.17 45.49
C GLU F 49 -2.90 4.80 45.54
N ASP F 50 -3.16 5.64 46.54
CA ASP F 50 -4.48 6.27 46.66
C ASP F 50 -4.75 7.24 45.52
N ALA F 51 -3.71 7.96 45.08
CA ALA F 51 -3.84 8.92 43.98
C ALA F 51 -4.12 8.25 42.62
N GLY F 52 -3.94 6.93 42.54
CA GLY F 52 -4.16 6.19 41.31
C GLY F 52 -2.92 6.16 40.43
N ILE F 53 -1.79 6.56 40.99
CA ILE F 53 -0.53 6.61 40.23
C ILE F 53 -0.03 5.19 40.03
N VAL F 54 0.12 4.46 41.12
CA VAL F 54 0.34 3.03 41.07
C VAL F 54 -1.05 2.40 40.96
N ARG F 55 -1.35 1.83 39.79
CA ARG F 55 -2.66 1.23 39.55
C ARG F 55 -2.68 -0.26 39.85
N GLN F 56 -1.51 -0.92 39.83
CA GLN F 56 -1.45 -2.36 40.08
C GLN F 56 -0.04 -2.86 40.36
N TYR F 57 0.02 -3.92 41.15
CA TYR F 57 1.22 -4.72 41.31
C TYR F 57 0.96 -6.04 40.59
N ALA F 58 1.94 -6.48 39.80
CA ALA F 58 1.78 -7.65 38.96
C ALA F 58 3.07 -8.48 38.87
N ALA F 59 2.90 -9.79 38.97
CA ALA F 59 3.93 -10.75 38.62
C ALA F 59 3.96 -10.86 37.10
N LEU F 60 5.14 -10.65 36.52
CA LEU F 60 5.35 -10.77 35.08
C LEU F 60 6.00 -12.11 34.78
N LEU F 61 5.46 -12.80 33.79
CA LEU F 61 5.91 -14.16 33.47
C LEU F 61 6.70 -14.20 32.16
N SER F 62 7.51 -15.24 32.00
CA SER F 62 8.20 -15.52 30.73
C SER F 62 7.21 -16.27 29.84
N PRO F 63 6.80 -15.69 28.70
CA PRO F 63 5.89 -16.38 27.77
C PRO F 63 6.33 -17.79 27.35
N GLU F 64 7.60 -17.93 26.99
CA GLU F 64 8.17 -19.22 26.62
C GLU F 64 8.17 -20.25 27.75
N SER F 65 8.35 -19.79 28.99
CA SER F 65 8.31 -20.67 30.15
C SER F 65 6.96 -21.35 30.34
N VAL F 66 5.89 -20.69 29.85
CA VAL F 66 4.55 -21.22 29.99
C VAL F 66 3.99 -21.65 28.62
N ASN F 67 4.91 -21.97 27.70
CA ASN F 67 4.59 -22.48 26.37
C ASN F 67 3.77 -21.54 25.50
N LEU F 68 4.03 -20.24 25.60
CA LEU F 68 3.37 -19.27 24.76
C LEU F 68 4.40 -18.69 23.82
N GLY F 69 4.83 -19.51 22.87
CA GLY F 69 5.89 -19.14 21.94
C GLY F 69 5.48 -18.25 20.78
N LEU F 70 4.19 -17.95 20.64
CA LEU F 70 3.74 -17.10 19.55
C LEU F 70 3.07 -15.84 20.07
N GLN F 71 3.69 -14.70 19.76
CA GLN F 71 3.15 -13.40 20.10
C GLN F 71 2.69 -12.72 18.82
N ALA F 72 1.42 -12.32 18.80
CA ALA F 72 0.81 -11.78 17.60
C ALA F 72 0.46 -10.30 17.77
N PHE F 73 0.64 -9.53 16.70
CA PHE F 73 0.07 -8.20 16.62
C PHE F 73 -1.01 -8.24 15.56
N ILE F 74 -2.25 -8.00 15.97
CA ILE F 74 -3.39 -8.16 15.07
C ILE F 74 -4.04 -6.83 14.77
N ARG F 75 -4.14 -6.53 13.47
CA ARG F 75 -4.67 -5.28 13.01
C ARG F 75 -6.06 -5.57 12.51
N VAL F 76 -7.05 -5.01 13.22
CA VAL F 76 -8.45 -5.34 13.03
C VAL F 76 -9.18 -4.13 12.50
N SER F 77 -9.94 -4.33 11.42
CA SER F 77 -10.87 -3.34 10.87
C SER F 77 -12.28 -3.61 11.37
N ILE F 78 -12.90 -2.58 11.93
CA ILE F 78 -14.24 -2.70 12.51
C ILE F 78 -15.30 -2.45 11.44
N ARG F 79 -16.35 -3.24 11.49
CA ARG F 79 -17.48 -3.03 10.60
C ARG F 79 -18.16 -1.67 10.91
N LYS F 80 -18.66 -1.03 9.87
CA LYS F 80 -19.38 0.23 9.98
C LYS F 80 -20.85 -0.11 10.25
N ALA F 81 -21.17 -0.30 11.53
CA ALA F 81 -22.54 -0.55 11.95
C ALA F 81 -22.67 -0.14 13.41
N LYS F 82 -23.86 0.29 13.78
CA LYS F 82 -24.15 0.65 15.15
C LYS F 82 -23.62 -0.37 16.18
N ASP F 83 -22.88 0.14 17.17
CA ASP F 83 -22.43 -0.63 18.35
C ASP F 83 -21.35 -1.66 18.06
N ALA F 84 -20.90 -1.76 16.81
CA ALA F 84 -19.88 -2.75 16.43
C ALA F 84 -18.63 -2.56 17.27
N ARG F 85 -18.19 -1.31 17.41
CA ARG F 85 -16.99 -0.98 18.20
C ARG F 85 -17.13 -1.40 19.65
N GLU F 86 -18.27 -1.09 20.23
CA GLU F 86 -18.55 -1.34 21.63
C GLU F 86 -18.69 -2.86 21.87
N ASP F 87 -19.45 -3.50 21.00
CA ASP F 87 -19.53 -4.96 21.05
C ASP F 87 -18.15 -5.61 20.89
N PHE F 88 -17.33 -5.09 19.99
CA PHE F 88 -15.99 -5.67 19.79
C PHE F 88 -15.12 -5.47 21.03
N ALA F 89 -15.22 -4.29 21.65
CA ALA F 89 -14.45 -3.99 22.88
C ALA F 89 -14.80 -4.93 24.02
N ALA F 90 -16.10 -5.15 24.23
CA ALA F 90 -16.59 -6.02 25.30
C ALA F 90 -16.15 -7.46 25.15
N SER F 91 -16.17 -7.94 23.92
CA SER F 91 -15.65 -9.27 23.61
C SER F 91 -14.14 -9.39 23.86
N VAL F 92 -13.37 -8.44 23.35
CA VAL F 92 -11.92 -8.41 23.53
C VAL F 92 -11.55 -8.47 25.02
N ARG F 93 -12.32 -7.78 25.85
CA ARG F 93 -12.11 -7.79 27.30
C ARG F 93 -12.29 -9.17 27.93
N LYS F 94 -13.09 -10.03 27.28
CA LYS F 94 -13.28 -11.41 27.72
C LYS F 94 -12.37 -12.42 27.02
N TRP F 95 -11.50 -11.99 26.13
CA TRP F 95 -10.55 -12.90 25.49
C TRP F 95 -9.19 -12.84 26.18
N PRO F 96 -8.87 -13.83 27.05
CA PRO F 96 -7.59 -13.85 27.80
C PRO F 96 -6.31 -13.92 26.97
N GLU F 97 -6.41 -14.43 25.75
CA GLU F 97 -5.23 -14.50 24.87
C GLU F 97 -4.85 -13.10 24.41
N VAL F 98 -5.82 -12.18 24.44
CA VAL F 98 -5.59 -10.78 24.08
C VAL F 98 -5.27 -9.95 25.34
N LEU F 99 -4.03 -9.47 25.42
CA LEU F 99 -3.53 -8.76 26.59
C LEU F 99 -3.81 -7.27 26.48
N SER F 100 -3.72 -6.74 25.26
CA SER F 100 -4.05 -5.34 25.03
C SER F 100 -4.66 -5.07 23.66
N CYS F 101 -5.43 -3.99 23.61
CA CYS F 101 -6.17 -3.61 22.42
C CYS F 101 -6.33 -2.09 22.48
N PHE F 102 -5.90 -1.43 21.41
CA PHE F 102 -5.94 0.02 21.32
C PHE F 102 -6.64 0.44 20.04
N ALA F 103 -7.56 1.40 20.16
CA ALA F 103 -8.04 2.13 18.99
C ALA F 103 -6.92 3.10 18.56
N LEU F 104 -6.53 3.06 17.28
CA LEU F 104 -5.39 3.87 16.78
C LEU F 104 -5.81 4.89 15.73
N THR F 105 -4.92 5.85 15.50
CA THR F 105 -5.20 6.98 14.61
C THR F 105 -5.05 6.70 13.11
N GLY F 106 -4.28 5.68 12.74
CA GLY F 106 -3.97 5.43 11.32
C GLY F 106 -4.99 4.57 10.62
N GLU F 107 -4.55 3.75 9.68
CA GLU F 107 -5.49 2.91 8.93
C GLU F 107 -5.95 1.68 9.69
N THR F 108 -5.22 1.28 10.72
CA THR F 108 -5.68 0.19 11.56
C THR F 108 -6.62 0.74 12.62
N ASP F 109 -7.84 0.22 12.63
CA ASP F 109 -8.83 0.66 13.61
C ASP F 109 -8.45 0.19 15.01
N TYR F 110 -8.14 -1.09 15.17
CA TYR F 110 -7.71 -1.63 16.48
C TYR F 110 -6.48 -2.49 16.34
N LEU F 111 -5.52 -2.30 17.24
CA LEU F 111 -4.34 -3.14 17.29
C LEU F 111 -4.38 -3.98 18.55
N LEU F 112 -4.37 -5.30 18.37
CA LEU F 112 -4.37 -6.22 19.48
C LEU F 112 -3.00 -6.88 19.62
N GLN F 113 -2.67 -7.17 20.85
CA GLN F 113 -1.48 -7.88 21.23
C GLN F 113 -1.97 -9.12 21.94
N ALA F 114 -1.60 -10.29 21.41
CA ALA F 114 -2.11 -11.55 21.93
C ALA F 114 -1.04 -12.64 21.93
N PHE F 115 -1.27 -13.67 22.75
CA PHE F 115 -0.31 -14.74 22.94
C PHE F 115 -0.93 -16.09 22.72
N PHE F 116 -0.16 -16.95 22.05
CA PHE F 116 -0.61 -18.30 21.70
C PHE F 116 0.55 -19.27 21.80
N THR F 117 0.20 -20.54 21.90
CA THR F 117 1.18 -21.60 21.99
C THR F 117 1.87 -21.74 20.64
N ASP F 118 1.08 -21.66 19.56
CA ASP F 118 1.55 -21.86 18.20
C ASP F 118 0.53 -21.41 17.17
N MSE F 119 0.91 -21.52 15.90
CA MSE F 119 0.10 -21.05 14.79
C MSE F 119 -1.25 -21.76 14.73
O MSE F 119 -2.26 -21.17 14.32
CB MSE F 119 0.85 -21.26 13.47
CG MSE F 119 0.22 -20.55 12.27
SE MSE F 119 0.00 -18.62 12.57
CE MSE F 119 1.89 -18.12 12.65
N ASN F 120 -1.26 -23.03 15.13
CA ASN F 120 -2.48 -23.83 15.21
C ASN F 120 -3.49 -23.21 16.17
N ALA F 121 -3.02 -22.82 17.34
CA ALA F 121 -3.86 -22.17 18.32
C ALA F 121 -4.26 -20.79 17.81
N PHE F 122 -3.33 -20.08 17.18
CA PHE F 122 -3.64 -18.76 16.61
C PHE F 122 -4.74 -18.86 15.56
N SER F 123 -4.58 -19.82 14.64
CA SER F 123 -5.55 -20.12 13.60
C SER F 123 -6.95 -20.36 14.16
N HIS F 124 -7.02 -21.19 15.20
CA HIS F 124 -8.29 -21.44 15.85
C HIS F 124 -8.93 -20.16 16.39
N PHE F 125 -8.15 -19.34 17.07
CA PHE F 125 -8.66 -18.07 17.61
C PHE F 125 -9.15 -17.12 16.52
N VAL F 126 -8.34 -16.93 15.49
CA VAL F 126 -8.68 -16.00 14.40
C VAL F 126 -9.92 -16.43 13.62
N LEU F 127 -9.90 -17.67 13.13
CA LEU F 127 -10.98 -18.21 12.30
C LEU F 127 -12.27 -18.43 13.09
N ASP F 128 -12.16 -18.99 14.30
CA ASP F 128 -13.36 -19.36 15.08
C ASP F 128 -13.88 -18.28 16.03
N THR F 129 -13.04 -17.34 16.45
CA THR F 129 -13.49 -16.34 17.42
C THR F 129 -13.46 -14.92 16.84
N LEU F 130 -12.29 -14.49 16.39
CA LEU F 130 -12.11 -13.13 15.89
C LEU F 130 -12.94 -12.83 14.64
N LEU F 131 -12.70 -13.57 13.55
CA LEU F 131 -13.35 -13.26 12.26
C LEU F 131 -14.84 -13.52 12.28
N SER F 132 -15.25 -14.45 13.12
CA SER F 132 -16.67 -14.75 13.34
C SER F 132 -17.42 -13.68 14.16
N HIS F 133 -16.70 -12.73 14.77
CA HIS F 133 -17.36 -11.65 15.51
C HIS F 133 -18.10 -10.74 14.54
N HIS F 134 -19.38 -10.43 14.82
CA HIS F 134 -20.19 -9.61 13.90
C HIS F 134 -19.56 -8.23 13.58
N GLY F 135 -18.88 -7.62 14.55
CA GLY F 135 -18.26 -6.30 14.38
C GLY F 135 -16.91 -6.27 13.68
N VAL F 136 -16.36 -7.44 13.37
CA VAL F 136 -15.08 -7.50 12.67
C VAL F 136 -15.28 -7.61 11.16
N GLN F 137 -14.81 -6.60 10.44
CA GLN F 137 -14.79 -6.60 8.99
C GLN F 137 -13.58 -7.35 8.43
N ASP F 138 -12.40 -7.15 9.03
CA ASP F 138 -11.20 -7.81 8.53
C ASP F 138 -10.11 -7.84 9.59
N ALA F 139 -9.14 -8.72 9.42
CA ALA F 139 -7.95 -8.72 10.30
C ALA F 139 -6.75 -9.26 9.55
N GLN F 140 -5.59 -8.76 9.93
CA GLN F 140 -4.33 -9.21 9.40
C GLN F 140 -3.32 -9.08 10.50
N SER F 141 -2.38 -10.01 10.54
CA SER F 141 -1.53 -10.15 11.70
C SER F 141 -0.07 -10.29 11.32
N SER F 142 0.78 -9.92 12.27
CA SER F 142 2.23 -10.09 12.20
C SER F 142 2.66 -10.71 13.51
N PHE F 143 3.86 -11.27 13.52
CA PHE F 143 4.33 -12.07 14.66
C PHE F 143 5.76 -11.68 15.05
N VAL F 144 6.06 -11.84 16.33
CA VAL F 144 7.36 -11.45 16.84
C VAL F 144 8.43 -12.41 16.36
N LEU F 145 9.42 -11.88 15.65
CA LEU F 145 10.62 -12.63 15.27
C LEU F 145 11.61 -12.60 16.43
N LYS F 146 11.72 -11.43 17.07
CA LYS F 146 12.62 -11.23 18.19
C LYS F 146 12.14 -10.08 19.06
N GLU F 147 12.18 -10.29 20.36
CA GLU F 147 11.96 -9.22 21.32
C GLU F 147 13.28 -8.53 21.60
N ILE F 148 13.37 -7.26 21.23
CA ILE F 148 14.58 -6.46 21.43
C ILE F 148 14.55 -5.84 22.83
N LYS F 149 13.36 -5.40 23.23
CA LYS F 149 13.14 -4.73 24.50
C LYS F 149 11.67 -4.90 24.88
N HIS F 150 11.41 -5.16 26.16
CA HIS F 150 10.05 -5.13 26.67
C HIS F 150 10.05 -4.85 28.17
N THR F 151 9.69 -3.64 28.55
CA THR F 151 9.55 -3.31 29.96
C THR F 151 8.16 -2.73 30.19
N THR F 152 7.73 -2.72 31.44
CA THR F 152 6.47 -2.08 31.86
C THR F 152 6.72 -0.71 32.49
N SER F 153 8.00 -0.35 32.65
CA SER F 153 8.37 0.89 33.34
C SER F 153 8.13 2.09 32.46
N LEU F 154 7.29 3.01 32.93
CA LEU F 154 7.08 4.27 32.25
C LEU F 154 8.29 5.16 32.50
N PRO F 155 8.64 6.00 31.51
CA PRO F 155 9.69 6.97 31.77
C PRO F 155 9.18 8.01 32.76
N LEU F 156 10.03 8.45 33.68
CA LEU F 156 9.62 9.42 34.71
C LEU F 156 10.49 10.67 34.74
N ASN F 157 11.48 10.74 33.86
CA ASN F 157 12.48 11.81 33.90
C ASN F 157 11.90 13.17 33.54
N HIS F 158 10.84 13.18 32.74
CA HIS F 158 10.11 14.39 32.42
C HIS F 158 9.49 15.09 33.64
N LEU F 159 9.23 14.36 34.72
CA LEU F 159 8.65 14.94 35.92
C LEU F 159 9.68 15.66 36.80
N LEU F 160 10.98 15.39 36.59
CA LEU F 160 12.04 16.00 37.41
C LEU F 160 12.33 17.44 37.00
N MSE G 3 -0.03 31.48 30.52
CA MSE G 3 -1.01 30.72 29.69
C MSE G 3 -2.00 31.68 29.03
O MSE G 3 -2.39 32.69 29.62
CB MSE G 3 -1.74 29.70 30.57
CG MSE G 3 -2.64 28.71 29.83
SE MSE G 3 -1.78 27.07 29.18
CE MSE G 3 -0.34 27.76 28.08
N PRO G 4 -2.41 31.38 27.76
CA PRO G 4 -3.46 32.12 27.06
C PRO G 4 -4.83 32.14 27.75
N GLN G 5 -5.22 31.05 28.38
CA GLN G 5 -6.43 31.00 29.20
C GLN G 5 -6.39 32.10 30.27
N LEU G 6 -5.24 32.27 30.93
CA LEU G 6 -5.03 33.35 31.90
C LEU G 6 -4.99 34.72 31.22
N THR G 7 -4.20 34.82 30.15
CA THR G 7 -3.94 36.09 29.50
C THR G 7 -5.18 36.66 28.77
N LEU G 8 -5.89 35.80 28.04
CA LEU G 8 -7.01 36.22 27.18
C LEU G 8 -8.38 35.98 27.80
N ASP G 9 -9.18 37.04 27.84
CA ASP G 9 -10.56 36.98 28.34
C ASP G 9 -11.52 37.02 27.15
N LYS G 10 -12.82 37.01 27.45
CA LYS G 10 -13.86 36.93 26.42
C LYS G 10 -13.81 38.03 25.36
N THR G 11 -13.35 39.23 25.73
CA THR G 11 -13.30 40.34 24.77
C THR G 11 -12.03 40.29 23.90
N ASP G 12 -10.95 39.74 24.45
CA ASP G 12 -9.74 39.46 23.66
C ASP G 12 -10.01 38.37 22.61
N ILE G 13 -10.83 37.38 22.98
CA ILE G 13 -11.29 36.37 22.02
C ILE G 13 -12.05 37.05 20.88
N LYS G 14 -13.03 37.87 21.24
CA LYS G 14 -13.86 38.59 20.27
C LYS G 14 -13.02 39.39 19.27
N ILE G 15 -12.00 40.08 19.76
CA ILE G 15 -11.09 40.86 18.91
C ILE G 15 -10.35 39.97 17.90
N LEU G 16 -9.90 38.80 18.35
CA LEU G 16 -9.18 37.86 17.48
C LEU G 16 -10.12 37.26 16.42
N GLN G 17 -11.34 36.94 16.83
CA GLN G 17 -12.33 36.44 15.89
C GLN G 17 -12.64 37.48 14.81
N VAL G 18 -12.81 38.73 15.23
CA VAL G 18 -13.12 39.82 14.30
C VAL G 18 -11.99 40.00 13.29
N LEU G 19 -10.76 40.10 13.78
CA LEU G 19 -9.60 40.35 12.93
C LEU G 19 -9.24 39.19 12.00
N GLN G 20 -9.53 37.95 12.43
CA GLN G 20 -9.29 36.79 11.60
C GLN G 20 -10.13 36.83 10.33
N GLU G 21 -11.36 37.32 10.46
CA GLU G 21 -12.27 37.47 9.33
C GLU G 21 -12.08 38.78 8.57
N ASN G 22 -11.75 39.85 9.29
CA ASN G 22 -11.61 41.18 8.70
C ASN G 22 -10.31 41.82 9.17
N GLY G 23 -9.22 41.42 8.54
CA GLY G 23 -7.88 41.85 8.95
C GLY G 23 -7.54 43.31 8.66
N ARG G 24 -8.35 43.98 7.84
CA ARG G 24 -8.06 45.38 7.49
C ARG G 24 -9.03 46.41 8.13
N LEU G 25 -9.48 46.13 9.35
CA LEU G 25 -10.30 47.08 10.10
C LEU G 25 -9.41 48.09 10.84
N THR G 26 -9.76 49.37 10.78
CA THR G 26 -9.06 50.36 11.59
C THR G 26 -9.33 50.07 13.06
N ASN G 27 -8.66 50.81 13.95
CA ASN G 27 -8.91 50.67 15.38
C ASN G 27 -10.33 51.07 15.72
N VAL G 28 -10.79 52.20 15.16
CA VAL G 28 -12.15 52.68 15.40
C VAL G 28 -13.20 51.68 14.94
N GLU G 29 -12.97 51.01 13.82
CA GLU G 29 -13.86 49.97 13.33
C GLU G 29 -13.86 48.77 14.26
N LEU G 30 -12.66 48.26 14.53
CA LEU G 30 -12.44 47.12 15.43
C LEU G 30 -13.07 47.34 16.80
N SER G 31 -12.82 48.51 17.38
CA SER G 31 -13.38 48.89 18.68
C SER G 31 -14.92 48.91 18.67
N GLU G 32 -15.49 49.33 17.54
CA GLU G 32 -16.95 49.42 17.38
C GLU G 32 -17.61 48.03 17.33
N ARG G 33 -16.89 47.01 16.89
CA ARG G 33 -17.43 45.66 16.79
C ARG G 33 -17.20 44.84 18.07
N VAL G 34 -16.36 45.37 18.97
CA VAL G 34 -16.03 44.68 20.22
C VAL G 34 -16.57 45.43 21.45
N ALA G 35 -17.38 46.46 21.21
CA ALA G 35 -17.95 47.29 22.28
C ALA G 35 -16.89 47.82 23.24
N LEU G 36 -15.79 48.33 22.66
CA LEU G 36 -14.70 48.96 23.42
C LEU G 36 -14.41 50.37 22.90
N SER G 37 -13.73 51.16 23.71
CA SER G 37 -13.20 52.45 23.26
C SER G 37 -11.88 52.22 22.53
N PRO G 38 -11.52 53.12 21.59
CA PRO G 38 -10.30 52.95 20.80
C PRO G 38 -9.03 52.74 21.61
N SER G 39 -8.85 53.52 22.67
CA SER G 39 -7.64 53.47 23.48
C SER G 39 -7.41 52.10 24.15
N PRO G 40 -8.38 51.62 24.95
CA PRO G 40 -8.22 50.28 25.51
C PRO G 40 -8.13 49.20 24.44
N CYS G 41 -9.02 49.27 23.46
CA CYS G 41 -9.03 48.35 22.34
C CYS G 41 -7.66 48.25 21.66
N LEU G 42 -7.04 49.41 21.44
CA LEU G 42 -5.71 49.49 20.83
C LEU G 42 -4.64 48.89 21.75
N ARG G 43 -4.79 49.11 23.06
CA ARG G 43 -3.86 48.53 24.03
C ARG G 43 -3.96 47.01 24.02
N ARG G 44 -5.19 46.50 24.02
CA ARG G 44 -5.43 45.06 24.05
C ARG G 44 -4.87 44.39 22.80
N LEU G 45 -5.12 44.98 21.63
CA LEU G 45 -4.58 44.46 20.38
C LEU G 45 -3.05 44.43 20.37
N LYS G 46 -2.45 45.50 20.87
CA LYS G 46 -0.99 45.59 21.00
C LYS G 46 -0.41 44.43 21.81
N GLN G 47 -1.08 44.09 22.92
CA GLN G 47 -0.67 42.97 23.76
C GLN G 47 -0.73 41.66 22.97
N LEU G 48 -1.77 41.49 22.17
CA LEU G 48 -1.96 40.31 21.33
C LEU G 48 -0.87 40.16 20.28
N GLU G 49 -0.45 41.28 19.66
CA GLU G 49 0.62 41.26 18.66
C GLU G 49 1.98 41.05 19.32
N ASP G 50 2.23 41.73 20.43
CA ASP G 50 3.47 41.57 21.18
C ASP G 50 3.60 40.16 21.77
N ALA G 51 2.47 39.58 22.16
CA ALA G 51 2.45 38.21 22.69
C ALA G 51 2.73 37.15 21.60
N GLY G 52 2.60 37.53 20.34
CA GLY G 52 2.81 36.62 19.23
C GLY G 52 1.56 35.85 18.84
N ILE G 53 0.41 36.28 19.36
CA ILE G 53 -0.86 35.62 19.05
C ILE G 53 -1.27 35.90 17.61
N VAL G 54 -1.29 37.18 17.23
CA VAL G 54 -1.42 37.58 15.85
C VAL G 54 -0.02 37.60 15.28
N ARG G 55 0.28 36.65 14.40
CA ARG G 55 1.62 36.56 13.81
C ARG G 55 1.76 37.34 12.50
N GLN G 56 0.65 37.59 11.80
CA GLN G 56 0.71 38.28 10.51
C GLN G 56 -0.67 38.74 10.06
N TYR G 57 -0.69 39.83 9.29
CA TYR G 57 -1.86 40.23 8.51
C TYR G 57 -1.57 40.00 7.03
N ALA G 58 -2.59 39.58 6.29
CA ALA G 58 -2.40 39.22 4.88
C ALA G 58 -3.67 39.41 4.05
N ALA G 59 -3.47 39.89 2.83
CA ALA G 59 -4.49 39.84 1.79
C ALA G 59 -4.53 38.41 1.26
N LEU G 60 -5.73 37.83 1.22
CA LEU G 60 -5.91 36.50 0.65
C LEU G 60 -6.53 36.66 -0.74
N LEU G 61 -5.91 36.01 -1.72
CA LEU G 61 -6.33 36.12 -3.11
C LEU G 61 -7.11 34.90 -3.59
N SER G 62 -7.92 35.12 -4.62
CA SER G 62 -8.59 34.05 -5.36
C SER G 62 -7.58 33.45 -6.34
N PRO G 63 -7.24 32.16 -6.16
CA PRO G 63 -6.32 31.50 -7.11
C PRO G 63 -6.79 31.53 -8.57
N GLU G 64 -8.09 31.40 -8.78
CA GLU G 64 -8.65 31.31 -10.13
C GLU G 64 -8.51 32.66 -10.82
N SER G 65 -8.69 33.73 -10.04
CA SER G 65 -8.59 35.08 -10.58
C SER G 65 -7.18 35.38 -11.10
N VAL G 66 -6.18 34.68 -10.56
CA VAL G 66 -4.80 34.85 -11.02
C VAL G 66 -4.32 33.63 -11.82
N ASN G 67 -5.28 32.89 -12.37
CA ASN G 67 -5.03 31.82 -13.32
C ASN G 67 -4.35 30.58 -12.72
N LEU G 68 -4.48 30.40 -11.41
CA LEU G 68 -3.89 29.24 -10.74
C LEU G 68 -4.95 28.15 -10.54
N GLY G 69 -5.31 27.50 -11.64
CA GLY G 69 -6.32 26.46 -11.62
C GLY G 69 -5.93 25.14 -10.97
N LEU G 70 -4.63 24.87 -10.83
CA LEU G 70 -4.14 23.58 -10.33
C LEU G 70 -3.61 23.72 -8.90
N GLN G 71 -4.30 23.12 -7.94
CA GLN G 71 -3.85 23.04 -6.56
C GLN G 71 -3.43 21.61 -6.25
N ALA G 72 -2.15 21.45 -5.90
CA ALA G 72 -1.55 20.13 -5.67
C ALA G 72 -1.21 19.90 -4.21
N PHE G 73 -1.48 18.69 -3.73
CA PHE G 73 -0.92 18.19 -2.50
C PHE G 73 0.17 17.19 -2.86
N ILE G 74 1.42 17.52 -2.55
CA ILE G 74 2.57 16.70 -2.97
C ILE G 74 3.15 15.97 -1.76
N ARG G 75 3.23 14.65 -1.87
CA ARG G 75 3.81 13.80 -0.84
C ARG G 75 5.25 13.47 -1.21
N VAL G 76 6.19 13.97 -0.41
CA VAL G 76 7.62 13.83 -0.67
C VAL G 76 8.29 12.89 0.32
N SER G 77 9.11 12.00 -0.23
CA SER G 77 9.93 11.09 0.53
C SER G 77 11.32 11.66 0.46
N ILE G 78 11.87 11.85 1.64
CA ILE G 78 13.18 12.42 1.78
C ILE G 78 14.20 11.29 1.61
N ARG G 79 15.38 11.64 1.12
CA ARG G 79 16.48 10.69 1.07
C ARG G 79 17.16 10.63 2.43
N LYS G 80 17.54 9.43 2.84
CA LYS G 80 18.24 9.21 4.09
C LYS G 80 19.71 9.49 3.84
N ALA G 81 20.08 10.75 4.04
CA ALA G 81 21.47 11.16 3.96
C ALA G 81 21.64 12.35 4.86
N LYS G 82 22.88 12.58 5.26
CA LYS G 82 23.25 13.72 6.08
C LYS G 82 22.72 15.02 5.45
N ASP G 83 21.98 15.78 6.25
CA ASP G 83 21.46 17.10 5.85
C ASP G 83 20.51 17.11 4.64
N ALA G 84 19.90 15.97 4.33
CA ALA G 84 18.83 15.93 3.34
C ALA G 84 17.61 16.75 3.82
N ARG G 85 17.20 16.56 5.06
CA ARG G 85 16.01 17.26 5.59
C ARG G 85 16.20 18.77 5.63
N GLU G 86 17.35 19.17 6.18
CA GLU G 86 17.72 20.57 6.28
C GLU G 86 17.79 21.25 4.91
N ASP G 87 18.48 20.63 3.96
CA ASP G 87 18.63 21.17 2.61
C ASP G 87 17.32 21.29 1.86
N PHE G 88 16.42 20.35 2.12
CA PHE G 88 15.12 20.33 1.45
C PHE G 88 14.22 21.43 2.01
N ALA G 89 14.18 21.55 3.33
CA ALA G 89 13.45 22.63 3.97
C ALA G 89 13.93 23.99 3.44
N ALA G 90 15.23 24.15 3.26
CA ALA G 90 15.81 25.41 2.78
C ALA G 90 15.33 25.77 1.37
N SER G 91 15.30 24.78 0.48
CA SER G 91 14.85 24.98 -0.89
C SER G 91 13.35 25.22 -0.97
N VAL G 92 12.58 24.48 -0.17
CA VAL G 92 11.11 24.58 -0.21
C VAL G 92 10.67 25.97 0.28
N ARG G 93 11.45 26.56 1.18
CA ARG G 93 11.21 27.92 1.66
C ARG G 93 11.41 28.96 0.56
N LYS G 94 12.25 28.64 -0.44
CA LYS G 94 12.48 29.50 -1.60
C LYS G 94 11.52 29.27 -2.78
N TRP G 95 10.73 28.19 -2.77
CA TRP G 95 9.85 27.88 -3.90
C TRP G 95 8.51 28.57 -3.75
N PRO G 96 8.26 29.64 -4.53
CA PRO G 96 7.03 30.39 -4.27
C PRO G 96 5.72 29.65 -4.56
N GLU G 97 5.78 28.64 -5.43
CA GLU G 97 4.62 27.81 -5.73
C GLU G 97 4.21 26.91 -4.57
N VAL G 98 5.14 26.58 -3.67
CA VAL G 98 4.82 25.82 -2.46
C VAL G 98 4.44 26.80 -1.34
N LEU G 99 3.17 26.80 -0.95
CA LEU G 99 2.65 27.62 0.16
C LEU G 99 2.91 27.00 1.53
N SER G 100 2.81 25.70 1.64
CA SER G 100 3.04 25.06 2.92
C SER G 100 3.72 23.72 2.74
N CYS G 101 4.52 23.38 3.74
CA CYS G 101 5.27 22.14 3.80
C CYS G 101 5.31 21.71 5.25
N PHE G 102 4.86 20.49 5.53
CA PHE G 102 4.92 19.94 6.87
C PHE G 102 5.60 18.59 6.89
N ALA G 103 6.48 18.39 7.86
CA ALA G 103 6.92 17.06 8.24
C ALA G 103 5.79 16.40 9.02
N LEU G 104 5.36 15.20 8.61
CA LEU G 104 4.21 14.52 9.22
C LEU G 104 4.61 13.22 9.90
N THR G 105 3.69 12.68 10.69
CA THR G 105 3.97 11.50 11.51
C THR G 105 3.80 10.15 10.80
N GLY G 106 3.12 10.16 9.66
CA GLY G 106 2.79 8.93 8.95
C GLY G 106 3.84 8.56 7.92
N GLU G 107 3.41 7.86 6.87
CA GLU G 107 4.34 7.34 5.86
C GLU G 107 4.91 8.46 4.98
N THR G 108 4.11 9.46 4.69
CA THR G 108 4.58 10.63 3.95
C THR G 108 5.51 11.47 4.85
N ASP G 109 6.77 11.62 4.42
CA ASP G 109 7.77 12.40 5.19
C ASP G 109 7.43 13.89 5.24
N TYR G 110 7.16 14.46 4.07
CA TYR G 110 6.75 15.85 3.93
C TYR G 110 5.50 15.97 3.07
N LEU G 111 4.53 16.75 3.54
CA LEU G 111 3.37 17.09 2.72
C LEU G 111 3.42 18.56 2.30
N LEU G 112 3.39 18.78 0.99
CA LEU G 112 3.48 20.10 0.39
C LEU G 112 2.15 20.47 -0.25
N GLN G 113 1.80 21.75 -0.17
CA GLN G 113 0.60 22.27 -0.81
C GLN G 113 1.07 23.37 -1.76
N ALA G 114 0.72 23.25 -3.05
CA ALA G 114 1.31 24.12 -4.09
C ALA G 114 0.30 24.50 -5.15
N PHE G 115 0.55 25.62 -5.81
CA PHE G 115 -0.36 26.15 -6.82
C PHE G 115 0.32 26.33 -8.16
N PHE G 116 -0.40 25.97 -9.23
CA PHE G 116 0.11 26.07 -10.60
C PHE G 116 -1.01 26.48 -11.52
N THR G 117 -0.65 27.01 -12.67
CA THR G 117 -1.64 27.39 -13.69
C THR G 117 -2.31 26.15 -14.27
N ASP G 118 -1.50 25.13 -14.55
CA ASP G 118 -1.99 23.91 -15.17
C ASP G 118 -0.96 22.79 -15.01
N MSE G 119 -1.27 21.64 -15.59
CA MSE G 119 -0.44 20.43 -15.46
C MSE G 119 0.95 20.58 -16.07
O MSE G 119 1.90 19.97 -15.58
CB MSE G 119 -1.15 19.21 -16.06
CG MSE G 119 -0.48 17.88 -15.74
SE MSE G 119 -0.29 17.59 -13.82
CE MSE G 119 -2.19 17.54 -13.31
N ASN G 120 1.07 21.33 -17.16
CA ASN G 120 2.37 21.59 -17.78
C ASN G 120 3.34 22.29 -16.85
N ALA G 121 2.85 23.33 -16.18
CA ALA G 121 3.66 24.04 -15.20
C ALA G 121 3.94 23.13 -14.01
N PHE G 122 2.97 22.31 -13.62
CA PHE G 122 3.19 21.37 -12.52
C PHE G 122 4.33 20.41 -12.90
N SER G 123 4.24 19.90 -14.12
CA SER G 123 5.21 18.99 -14.66
C SER G 123 6.63 19.58 -14.69
N HIS G 124 6.76 20.83 -15.11
CA HIS G 124 8.07 21.49 -15.13
C HIS G 124 8.64 21.61 -13.72
N PHE G 125 7.82 22.05 -12.78
CA PHE G 125 8.24 22.14 -11.39
C PHE G 125 8.73 20.80 -10.86
N VAL G 126 7.85 19.80 -10.91
CA VAL G 126 8.17 18.46 -10.43
C VAL G 126 9.44 17.87 -11.06
N LEU G 127 9.47 17.80 -12.40
CA LEU G 127 10.58 17.15 -13.11
C LEU G 127 11.90 17.92 -13.00
N ASP G 128 11.84 19.25 -13.11
CA ASP G 128 13.06 20.07 -13.14
C ASP G 128 13.49 20.59 -11.76
N THR G 129 12.55 20.79 -10.83
CA THR G 129 12.89 21.37 -9.53
C THR G 129 12.84 20.35 -8.40
N LEU G 130 11.67 19.79 -8.17
CA LEU G 130 11.47 18.92 -7.02
C LEU G 130 12.33 17.65 -7.08
N LEU G 131 12.18 16.88 -8.16
CA LEU G 131 12.75 15.54 -8.22
C LEU G 131 14.25 15.59 -8.42
N SER G 132 14.72 16.68 -9.01
CA SER G 132 16.14 16.91 -9.24
C SER G 132 16.91 17.25 -7.96
N HIS G 133 16.19 17.62 -6.91
CA HIS G 133 16.78 18.00 -5.64
C HIS G 133 17.43 16.79 -4.98
N HIS G 134 18.69 16.94 -4.61
CA HIS G 134 19.51 15.86 -4.03
C HIS G 134 18.93 15.24 -2.77
N GLY G 135 18.14 16.02 -2.03
CA GLY G 135 17.46 15.55 -0.83
C GLY G 135 16.20 14.73 -1.08
N VAL G 136 15.66 14.78 -2.30
CA VAL G 136 14.38 14.17 -2.61
C VAL G 136 14.54 12.79 -3.23
N GLN G 137 14.02 11.77 -2.56
CA GLN G 137 14.04 10.39 -3.02
C GLN G 137 12.89 10.14 -3.99
N ASP G 138 11.70 10.63 -3.64
CA ASP G 138 10.52 10.47 -4.49
C ASP G 138 9.40 11.44 -4.11
N ALA G 139 8.45 11.62 -5.03
CA ALA G 139 7.27 12.45 -4.81
C ALA G 139 6.07 11.86 -5.54
N GLN G 140 4.89 12.05 -4.96
CA GLN G 140 3.65 11.64 -5.62
C GLN G 140 2.58 12.60 -5.18
N SER G 141 1.67 12.93 -6.10
CA SER G 141 0.83 14.08 -5.97
C SER G 141 -0.64 13.79 -6.24
N SER G 142 -1.47 14.52 -5.52
CA SER G 142 -2.91 14.55 -5.74
C SER G 142 -3.32 15.98 -5.96
N PHE G 143 -4.50 16.18 -6.54
CA PHE G 143 -4.94 17.49 -6.95
C PHE G 143 -6.37 17.72 -6.52
N VAL G 144 -6.70 18.96 -6.27
CA VAL G 144 -8.02 19.31 -5.78
C VAL G 144 -9.06 19.22 -6.90
N LEU G 145 -10.05 18.35 -6.69
CA LEU G 145 -11.23 18.29 -7.54
C LEU G 145 -12.24 19.35 -7.09
N LYS G 146 -12.28 19.62 -5.80
CA LYS G 146 -13.28 20.52 -5.27
C LYS G 146 -12.89 20.95 -3.88
N GLU G 147 -13.01 22.25 -3.62
CA GLU G 147 -12.80 22.82 -2.30
C GLU G 147 -14.14 22.82 -1.57
N ILE G 148 -14.17 22.12 -0.44
CA ILE G 148 -15.35 22.02 0.39
C ILE G 148 -15.35 23.15 1.41
N LYS G 149 -14.16 23.40 1.96
CA LYS G 149 -13.95 24.43 2.96
C LYS G 149 -12.52 24.91 2.86
N HIS G 150 -12.34 26.21 3.04
CA HIS G 150 -11.00 26.76 3.19
C HIS G 150 -11.03 28.09 3.93
N THR G 151 -10.75 28.04 5.23
CA THR G 151 -10.57 29.24 6.03
C THR G 151 -9.21 29.23 6.75
N THR G 152 -8.73 30.42 7.10
CA THR G 152 -7.48 30.60 7.85
C THR G 152 -7.78 30.83 9.34
N SER G 153 -9.06 31.00 9.68
CA SER G 153 -9.46 31.30 11.03
C SER G 153 -9.38 30.07 11.93
N LEU G 154 -8.59 30.21 12.99
CA LEU G 154 -8.46 29.16 14.00
C LEU G 154 -9.67 29.21 14.90
N PRO G 155 -10.07 28.06 15.46
CA PRO G 155 -11.17 28.00 16.41
C PRO G 155 -10.65 28.47 17.76
N LEU G 156 -11.44 29.28 18.47
CA LEU G 156 -10.95 29.90 19.70
C LEU G 156 -11.83 29.64 20.92
N ASN G 157 -12.88 28.82 20.74
CA ASN G 157 -13.89 28.59 21.79
C ASN G 157 -13.33 27.90 23.03
N HIS G 158 -12.28 27.11 22.84
CA HIS G 158 -11.60 26.42 23.94
C HIS G 158 -10.96 27.38 24.95
N LEU G 159 -10.66 28.60 24.51
CA LEU G 159 -10.05 29.60 25.39
C LEU G 159 -11.05 30.25 26.36
N LEU G 160 -12.34 29.98 26.15
CA LEU G 160 -13.41 30.53 27.01
C LEU G 160 -13.65 29.64 28.22
N THR H 7 -7.05 42.96 -16.39
CA THR H 7 -5.69 42.58 -16.89
C THR H 7 -4.62 43.15 -15.97
N LEU H 8 -3.60 42.35 -15.67
CA LEU H 8 -2.59 42.70 -14.67
C LEU H 8 -1.21 42.94 -15.27
N ASP H 9 -0.66 44.14 -15.03
CA ASP H 9 0.71 44.45 -15.40
C ASP H 9 1.64 44.34 -14.18
N LYS H 10 2.93 44.60 -14.40
CA LYS H 10 3.96 44.45 -13.37
C LYS H 10 3.62 45.16 -12.05
N THR H 11 3.00 46.34 -12.15
CA THR H 11 2.64 47.14 -10.98
C THR H 11 1.49 46.52 -10.19
N ASP H 12 0.50 45.97 -10.92
CA ASP H 12 -0.59 45.22 -10.28
C ASP H 12 -0.03 44.01 -9.53
N ILE H 13 0.93 43.32 -10.14
CA ILE H 13 1.60 42.18 -9.51
C ILE H 13 2.28 42.60 -8.22
N LYS H 14 2.99 43.73 -8.24
CA LYS H 14 3.67 44.22 -7.04
C LYS H 14 2.67 44.54 -5.93
N ILE H 15 1.54 45.15 -6.27
CA ILE H 15 0.53 45.47 -5.26
C ILE H 15 0.06 44.21 -4.52
N LEU H 16 -0.27 43.18 -5.28
CA LEU H 16 -0.78 41.93 -4.70
C LEU H 16 0.31 41.21 -3.90
N GLN H 17 1.52 41.17 -4.44
CA GLN H 17 2.66 40.61 -3.73
C GLN H 17 2.87 41.29 -2.37
N VAL H 18 2.79 42.61 -2.36
CA VAL H 18 3.02 43.39 -1.14
C VAL H 18 1.93 43.16 -0.11
N LEU H 19 0.67 43.18 -0.55
CA LEU H 19 -0.46 43.01 0.36
C LEU H 19 -0.61 41.56 0.83
N GLN H 20 -0.12 40.59 0.06
CA GLN H 20 -0.11 39.18 0.49
C GLN H 20 0.74 39.03 1.75
N GLU H 21 1.85 39.78 1.80
CA GLU H 21 2.78 39.71 2.93
C GLU H 21 2.39 40.61 4.10
N ASN H 22 1.81 41.77 3.79
CA ASN H 22 1.36 42.70 4.81
C ASN H 22 0.02 43.32 4.42
N GLY H 23 -1.06 42.70 4.89
CA GLY H 23 -2.41 43.13 4.58
C GLY H 23 -2.83 44.41 5.27
N ARG H 24 -1.99 44.87 6.21
CA ARG H 24 -2.23 46.08 7.00
C ARG H 24 -1.48 47.33 6.49
N LEU H 25 -0.62 47.16 5.48
CA LEU H 25 0.17 48.27 4.96
C LEU H 25 -0.74 49.44 4.59
N THR H 26 -0.38 50.65 5.03
CA THR H 26 -1.12 51.84 4.65
C THR H 26 -0.86 52.18 3.18
N ASN H 27 -1.81 52.86 2.55
CA ASN H 27 -1.68 53.25 1.14
C ASN H 27 -0.41 54.06 0.91
N VAL H 28 -0.09 54.93 1.87
CA VAL H 28 1.16 55.67 1.82
C VAL H 28 2.33 54.70 1.64
N GLU H 29 2.47 53.74 2.55
CA GLU H 29 3.55 52.74 2.48
C GLU H 29 3.48 51.89 1.22
N LEU H 30 2.27 51.46 0.86
CA LEU H 30 2.04 50.68 -0.36
C LEU H 30 2.47 51.45 -1.61
N SER H 31 2.10 52.72 -1.67
CA SER H 31 2.48 53.60 -2.79
C SER H 31 3.98 53.59 -3.00
N GLU H 32 4.71 53.70 -1.90
CA GLU H 32 6.16 53.71 -1.93
C GLU H 32 6.70 52.39 -2.45
N ARG H 33 6.17 51.29 -1.92
CA ARG H 33 6.70 49.97 -2.27
C ARG H 33 6.46 49.59 -3.73
N VAL H 34 5.32 50.04 -4.28
CA VAL H 34 5.00 49.77 -5.67
C VAL H 34 5.43 50.90 -6.60
N ALA H 35 6.06 51.94 -6.03
CA ALA H 35 6.57 53.08 -6.80
C ALA H 35 5.45 53.77 -7.58
N LEU H 36 4.37 54.08 -6.87
CA LEU H 36 3.26 54.87 -7.41
C LEU H 36 2.95 56.03 -6.48
N SER H 37 2.32 57.06 -7.02
CA SER H 37 1.75 58.11 -6.19
C SER H 37 0.48 57.57 -5.52
N PRO H 38 0.11 58.14 -4.35
CA PRO H 38 -1.01 57.66 -3.52
C PRO H 38 -2.34 57.40 -4.25
N SER H 39 -2.81 58.35 -5.05
CA SER H 39 -4.14 58.25 -5.67
C SER H 39 -4.23 57.18 -6.77
N PRO H 40 -3.28 57.16 -7.72
CA PRO H 40 -3.24 56.06 -8.69
C PRO H 40 -3.00 54.67 -8.07
N CYS H 41 -2.33 54.64 -6.91
CA CYS H 41 -2.15 53.39 -6.19
C CYS H 41 -3.46 52.92 -5.55
N LEU H 42 -4.14 53.84 -4.86
CA LEU H 42 -5.43 53.56 -4.25
C LEU H 42 -6.46 53.12 -5.28
N ARG H 43 -6.39 53.68 -6.49
CA ARG H 43 -7.34 53.35 -7.54
C ARG H 43 -7.09 51.96 -8.09
N ARG H 44 -5.81 51.62 -8.31
CA ARG H 44 -5.46 50.27 -8.77
C ARG H 44 -5.92 49.21 -7.76
N LEU H 45 -5.71 49.46 -6.48
CA LEU H 45 -6.07 48.48 -5.45
C LEU H 45 -7.58 48.26 -5.38
N LYS H 46 -8.37 49.30 -5.60
CA LYS H 46 -9.84 49.15 -5.57
C LYS H 46 -10.31 48.29 -6.75
N GLN H 47 -9.73 48.51 -7.91
CA GLN H 47 -9.99 47.66 -9.09
C GLN H 47 -9.68 46.17 -8.82
N LEU H 48 -8.58 45.90 -8.14
CA LEU H 48 -8.16 44.53 -7.82
C LEU H 48 -9.11 43.89 -6.82
N GLU H 49 -9.56 44.68 -5.85
CA GLU H 49 -10.52 44.22 -4.85
C GLU H 49 -11.87 43.92 -5.49
N ASP H 50 -12.25 44.76 -6.43
CA ASP H 50 -13.53 44.65 -7.14
C ASP H 50 -13.51 43.58 -8.23
N ALA H 51 -12.32 43.24 -8.73
CA ALA H 51 -12.17 42.17 -9.72
C ALA H 51 -12.28 40.78 -9.08
N GLY H 52 -12.35 40.73 -7.75
CA GLY H 52 -12.39 39.48 -7.00
C GLY H 52 -11.00 38.97 -6.66
N ILE H 53 -9.97 39.65 -7.14
CA ILE H 53 -8.59 39.15 -7.01
C ILE H 53 -8.17 39.09 -5.55
N VAL H 54 -8.36 40.19 -4.83
CA VAL H 54 -8.29 40.16 -3.37
C VAL H 54 -9.68 39.72 -2.90
N ARG H 55 -9.77 38.56 -2.25
CA ARG H 55 -11.06 38.06 -1.75
C ARG H 55 -11.25 38.30 -0.26
N GLN H 56 -10.15 38.47 0.48
CA GLN H 56 -10.24 38.69 1.92
C GLN H 56 -8.96 39.31 2.49
N TYR H 57 -9.12 40.06 3.58
CA TYR H 57 -7.99 40.44 4.43
C TYR H 57 -8.18 39.68 5.75
N ALA H 58 -7.09 39.16 6.31
CA ALA H 58 -7.16 38.31 7.50
C ALA H 58 -5.94 38.46 8.42
N ALA H 59 -6.21 38.47 9.71
CA ALA H 59 -5.20 38.25 10.74
C ALA H 59 -4.93 36.75 10.79
N LEU H 60 -3.65 36.39 10.72
CA LEU H 60 -3.21 35.00 10.83
C LEU H 60 -2.61 34.81 12.22
N LEU H 61 -3.15 33.84 12.97
CA LEU H 61 -2.73 33.63 14.35
C LEU H 61 -1.75 32.46 14.47
N SER H 62 -0.99 32.46 15.57
CA SER H 62 -0.11 31.36 15.92
C SER H 62 -0.88 30.27 16.66
N PRO H 63 -0.94 29.05 16.08
CA PRO H 63 -1.63 27.94 16.72
C PRO H 63 -1.13 27.64 18.13
N GLU H 64 0.20 27.64 18.28
CA GLU H 64 0.83 27.42 19.59
C GLU H 64 0.41 28.47 20.60
N SER H 65 0.28 29.72 20.15
CA SER H 65 -0.07 30.82 21.04
C SER H 65 -1.47 30.67 21.64
N VAL H 66 -2.37 30.00 20.95
CA VAL H 66 -3.74 29.80 21.45
C VAL H 66 -4.01 28.34 21.89
N ASN H 67 -2.94 27.63 22.22
CA ASN H 67 -3.02 26.26 22.75
C ASN H 67 -3.68 25.27 21.77
N LEU H 68 -3.32 25.40 20.49
CA LEU H 68 -3.69 24.43 19.46
C LEU H 68 -2.40 23.80 18.95
N GLY H 69 -1.82 22.96 19.80
CA GLY H 69 -0.52 22.38 19.57
C GLY H 69 -0.54 21.15 18.70
N LEU H 70 -1.73 20.70 18.32
CA LEU H 70 -1.88 19.50 17.53
C LEU H 70 -2.51 19.84 16.19
N GLN H 71 -1.72 19.72 15.12
CA GLN H 71 -2.24 19.91 13.76
C GLN H 71 -2.37 18.55 13.06
N ALA H 72 -3.57 18.24 12.59
CA ALA H 72 -3.89 16.96 11.95
C ALA H 72 -4.23 17.12 10.48
N PHE H 73 -3.71 16.20 9.68
CA PHE H 73 -4.17 15.99 8.32
C PHE H 73 -5.01 14.71 8.31
N ILE H 74 -6.29 14.82 8.00
CA ILE H 74 -7.18 13.68 8.10
C ILE H 74 -7.58 13.23 6.69
N ARG H 75 -7.37 11.95 6.41
CA ARG H 75 -7.71 11.37 5.10
C ARG H 75 -9.01 10.61 5.29
N VAL H 76 -10.06 11.10 4.66
CA VAL H 76 -11.40 10.56 4.86
C VAL H 76 -11.87 9.81 3.63
N SER H 77 -12.34 8.57 3.83
CA SER H 77 -13.03 7.80 2.81
C SER H 77 -14.51 7.97 3.02
N ILE H 78 -15.15 8.49 1.99
CA ILE H 78 -16.57 8.77 2.02
C ILE H 78 -17.32 7.49 1.69
N ARG H 79 -18.53 7.37 2.26
CA ARG H 79 -19.46 6.32 1.88
C ARG H 79 -19.96 6.54 0.45
N LYS H 80 -20.08 5.45 -0.27
CA LYS H 80 -20.44 5.48 -1.68
C LYS H 80 -21.94 5.46 -1.77
N ALA H 81 -22.54 6.63 -1.56
CA ALA H 81 -23.98 6.74 -1.51
C ALA H 81 -24.40 8.12 -1.94
N LYS H 82 -25.62 8.22 -2.49
CA LYS H 82 -26.18 9.51 -2.85
C LYS H 82 -26.16 10.38 -1.59
N ASP H 83 -25.65 11.61 -1.72
CA ASP H 83 -25.73 12.62 -0.65
C ASP H 83 -24.79 12.42 0.55
N ALA H 84 -24.05 11.31 0.60
CA ALA H 84 -23.01 11.16 1.62
C ALA H 84 -21.99 12.29 1.49
N ARG H 85 -21.62 12.61 0.23
CA ARG H 85 -20.73 13.73 -0.05
C ARG H 85 -21.32 15.06 0.38
N GLU H 86 -22.56 15.31 -0.05
CA GLU H 86 -23.23 16.58 0.24
C GLU H 86 -23.39 16.75 1.76
N ASP H 87 -23.82 15.69 2.44
CA ASP H 87 -23.99 15.71 3.88
C ASP H 87 -22.68 15.84 4.65
N PHE H 88 -21.65 15.10 4.24
CA PHE H 88 -20.33 15.25 4.89
C PHE H 88 -19.87 16.68 4.72
N ALA H 89 -20.01 17.22 3.49
CA ALA H 89 -19.59 18.58 3.16
C ALA H 89 -20.27 19.62 4.04
N ALA H 90 -21.59 19.50 4.18
CA ALA H 90 -22.37 20.41 5.01
C ALA H 90 -21.98 20.34 6.51
N SER H 91 -21.67 19.14 6.99
CA SER H 91 -21.21 18.98 8.38
C SER H 91 -19.80 19.57 8.60
N VAL H 92 -18.90 19.30 7.66
CA VAL H 92 -17.52 19.79 7.75
C VAL H 92 -17.49 21.32 7.83
N ARG H 93 -18.37 21.97 7.07
CA ARG H 93 -18.49 23.43 7.09
C ARG H 93 -18.88 23.98 8.46
N LYS H 94 -19.47 23.14 9.31
CA LYS H 94 -19.91 23.57 10.63
C LYS H 94 -18.97 23.14 11.76
N TRP H 95 -17.86 22.49 11.43
CA TRP H 95 -16.87 22.10 12.43
C TRP H 95 -15.72 23.08 12.44
N PRO H 96 -15.65 23.97 13.45
CA PRO H 96 -14.65 25.03 13.51
C PRO H 96 -13.20 24.56 13.62
N GLU H 97 -13.01 23.34 14.14
CA GLU H 97 -11.68 22.71 14.21
C GLU H 97 -11.13 22.32 12.84
N VAL H 98 -12.01 22.19 11.85
CA VAL H 98 -11.57 21.88 10.48
C VAL H 98 -11.44 23.16 9.66
N LEU H 99 -10.20 23.53 9.30
CA LEU H 99 -9.97 24.75 8.51
C LEU H 99 -10.14 24.53 7.01
N SER H 100 -9.65 23.40 6.52
CA SER H 100 -9.66 23.08 5.09
C SER H 100 -10.16 21.66 4.81
N CYS H 101 -10.89 21.50 3.72
CA CYS H 101 -11.37 20.22 3.27
C CYS H 101 -11.38 20.23 1.75
N PHE H 102 -10.66 19.30 1.15
CA PHE H 102 -10.63 19.16 -0.31
C PHE H 102 -10.98 17.75 -0.74
N ALA H 103 -11.87 17.65 -1.72
CA ALA H 103 -12.04 16.43 -2.51
C ALA H 103 -10.82 16.34 -3.44
N LEU H 104 -10.08 15.23 -3.36
CA LEU H 104 -8.82 15.04 -4.11
C LEU H 104 -8.89 13.96 -5.20
N THR H 105 -7.87 13.93 -6.07
CA THR H 105 -7.86 13.05 -7.26
C THR H 105 -7.37 11.63 -7.01
N GLY H 106 -6.67 11.43 -5.89
CA GLY H 106 -6.06 10.15 -5.59
C GLY H 106 -6.91 9.20 -4.77
N GLU H 107 -6.23 8.36 -4.01
CA GLU H 107 -6.91 7.35 -3.19
C GLU H 107 -7.68 7.98 -2.04
N THR H 108 -7.23 9.14 -1.56
CA THR H 108 -7.92 9.82 -0.47
C THR H 108 -9.05 10.66 -1.04
N ASP H 109 -10.26 10.37 -0.59
CA ASP H 109 -11.45 11.04 -1.09
C ASP H 109 -11.46 12.50 -0.70
N TYR H 110 -11.28 12.73 0.60
CA TYR H 110 -11.24 14.07 1.17
C TYR H 110 -10.04 14.19 2.09
N LEU H 111 -9.28 15.28 1.94
CA LEU H 111 -8.24 15.64 2.87
C LEU H 111 -8.72 16.82 3.71
N LEU H 112 -8.80 16.61 5.01
CA LEU H 112 -9.09 17.67 5.97
C LEU H 112 -7.83 18.07 6.75
N GLN H 113 -7.71 19.37 6.99
CA GLN H 113 -6.69 19.95 7.82
C GLN H 113 -7.39 20.52 9.05
N ALA H 114 -6.95 20.11 10.24
CA ALA H 114 -7.65 20.48 11.49
C ALA H 114 -6.70 20.74 12.65
N PHE H 115 -7.20 21.51 13.64
CA PHE H 115 -6.41 21.89 14.81
C PHE H 115 -7.10 21.49 16.11
N PHE H 116 -6.29 20.99 17.04
CA PHE H 116 -6.73 20.53 18.37
C PHE H 116 -5.71 20.91 19.45
N THR H 117 -6.13 20.90 20.70
CA THR H 117 -5.23 21.18 21.82
C THR H 117 -4.24 20.05 22.05
N ASP H 118 -4.76 18.82 22.01
CA ASP H 118 -3.96 17.61 22.27
C ASP H 118 -4.65 16.39 21.65
N MSE H 119 -4.01 15.23 21.81
CA MSE H 119 -4.55 13.98 21.27
C MSE H 119 -5.90 13.66 21.89
O MSE H 119 -6.77 13.08 21.25
CB MSE H 119 -3.57 12.83 21.50
CG MSE H 119 -3.91 11.57 20.73
SE MSE H 119 -3.97 11.86 18.80
CE MSE H 119 -2.05 12.12 18.45
N ASN H 120 -6.07 14.04 23.14
CA ASN H 120 -7.32 13.85 23.87
C ASN H 120 -8.54 14.45 23.16
N ALA H 121 -8.42 15.72 22.77
CA ALA H 121 -9.47 16.43 22.06
C ALA H 121 -9.61 15.92 20.63
N PHE H 122 -8.49 15.58 20.00
CA PHE H 122 -8.55 14.95 18.68
C PHE H 122 -9.38 13.69 18.75
N SER H 123 -9.03 12.83 19.70
CA SER H 123 -9.71 11.56 19.89
C SER H 123 -11.22 11.73 20.08
N HIS H 124 -11.62 12.71 20.88
CA HIS H 124 -13.03 13.00 21.07
C HIS H 124 -13.67 13.42 19.74
N PHE H 125 -13.02 14.30 19.00
CA PHE H 125 -13.52 14.69 17.70
C PHE H 125 -13.67 13.51 16.74
N VAL H 126 -12.62 12.70 16.63
CA VAL H 126 -12.59 11.59 15.68
C VAL H 126 -13.68 10.55 15.99
N LEU H 127 -13.74 10.17 17.26
CA LEU H 127 -14.61 9.09 17.67
C LEU H 127 -16.07 9.50 17.79
N ASP H 128 -16.32 10.69 18.35
CA ASP H 128 -17.69 11.11 18.61
C ASP H 128 -18.30 12.01 17.53
N THR H 129 -17.49 12.55 16.63
CA THR H 129 -18.03 13.43 15.60
C THR H 129 -17.75 12.91 14.18
N LEU H 130 -16.48 12.66 13.87
CA LEU H 130 -16.08 12.28 12.51
C LEU H 130 -16.52 10.88 12.10
N LEU H 131 -16.13 9.86 12.87
CA LEU H 131 -16.43 8.48 12.47
C LEU H 131 -17.90 8.12 12.65
N SER H 132 -18.60 8.85 13.51
CA SER H 132 -20.04 8.61 13.73
C SER H 132 -20.94 9.23 12.63
N HIS H 133 -20.38 10.10 11.81
CA HIS H 133 -21.11 10.66 10.69
C HIS H 133 -21.51 9.57 9.69
N HIS H 134 -22.78 9.60 9.26
CA HIS H 134 -23.31 8.54 8.39
C HIS H 134 -22.60 8.42 7.03
N GLY H 135 -22.04 9.52 6.53
CA GLY H 135 -21.37 9.53 5.24
C GLY H 135 -19.89 9.15 5.29
N VAL H 136 -19.33 8.95 6.48
CA VAL H 136 -17.90 8.62 6.62
C VAL H 136 -17.68 7.12 6.73
N GLN H 137 -17.04 6.56 5.71
CA GLN H 137 -16.71 5.14 5.66
C GLN H 137 -15.51 4.84 6.56
N ASP H 138 -14.48 5.68 6.46
CA ASP H 138 -13.32 5.56 7.33
C ASP H 138 -12.51 6.85 7.32
N ALA H 139 -11.54 6.90 8.22
CA ALA H 139 -10.65 8.05 8.32
C ALA H 139 -9.32 7.59 8.91
N GLN H 140 -8.25 8.19 8.43
CA GLN H 140 -6.93 7.96 9.01
C GLN H 140 -6.12 9.25 8.95
N SER H 141 -5.32 9.48 10.00
CA SER H 141 -4.73 10.78 10.21
C SER H 141 -3.24 10.75 10.45
N SER H 142 -2.62 11.85 10.05
CA SER H 142 -1.23 12.14 10.34
C SER H 142 -1.18 13.47 11.06
N PHE H 143 -0.08 13.70 11.76
CA PHE H 143 0.08 14.90 12.56
C PHE H 143 1.40 15.57 12.20
N VAL H 144 1.43 16.87 12.40
CA VAL H 144 2.58 17.70 12.04
C VAL H 144 3.69 17.53 13.07
N LEU H 145 4.83 17.03 12.59
CA LEU H 145 6.04 16.90 13.39
C LEU H 145 6.79 18.22 13.44
N LYS H 146 6.80 18.90 12.30
CA LYS H 146 7.49 20.17 12.14
C LYS H 146 6.89 20.92 10.97
N GLU H 147 6.68 22.22 11.15
CA GLU H 147 6.20 23.05 10.06
C GLU H 147 7.46 23.64 9.44
N ILE H 148 7.70 23.32 8.17
CA ILE H 148 8.83 23.86 7.45
C ILE H 148 8.43 25.18 6.83
N LYS H 149 7.26 25.19 6.20
CA LYS H 149 6.78 26.38 5.53
C LYS H 149 5.27 26.48 5.69
N HIS H 150 4.78 27.69 5.87
CA HIS H 150 3.35 27.94 5.82
C HIS H 150 3.07 29.40 5.50
N THR H 151 2.74 29.67 4.24
CA THR H 151 2.30 31.00 3.83
C THR H 151 0.95 30.91 3.12
N THR H 152 0.20 32.01 3.15
CA THR H 152 -1.04 32.14 2.38
C THR H 152 -0.78 32.82 1.03
N SER H 153 0.45 33.23 0.79
CA SER H 153 0.81 33.95 -0.43
C SER H 153 0.91 33.03 -1.64
N LEU H 154 0.07 33.29 -2.63
CA LEU H 154 0.12 32.62 -3.93
C LEU H 154 1.32 33.08 -4.78
N PRO H 155 1.87 32.19 -5.62
CA PRO H 155 2.86 32.64 -6.59
C PRO H 155 2.21 33.49 -7.67
N LEU H 156 2.91 34.53 -8.10
CA LEU H 156 2.38 35.44 -9.11
C LEU H 156 3.32 35.66 -10.30
N ASN H 157 4.54 35.13 -10.23
CA ASN H 157 5.53 35.35 -11.29
C ASN H 157 5.02 34.90 -12.67
N HIS H 158 4.14 33.90 -12.69
CA HIS H 158 3.55 33.41 -13.94
C HIS H 158 2.79 34.48 -14.73
N LEU H 159 2.33 35.53 -14.05
CA LEU H 159 1.54 36.57 -14.69
C LEU H 159 2.37 37.62 -15.46
N LEU H 160 3.70 37.58 -15.34
CA LEU H 160 4.58 38.58 -15.97
C LEU H 160 5.50 37.94 -17.00
CA CA I . 7.48 6.70 -7.34
CL CL J . 0.18 -15.67 -21.94
C1 GOL K . 6.72 -18.18 -17.93
O1 GOL K . 6.73 -16.78 -17.71
C2 GOL K . 7.97 -18.78 -17.27
O2 GOL K . 7.60 -19.80 -16.34
C3 GOL K . 8.93 -19.29 -18.34
O3 GOL K . 9.52 -18.24 -19.07
C1 GOL L . -7.83 24.67 -30.18
O1 GOL L . -8.39 24.72 -31.49
C2 GOL L . -6.69 25.67 -30.06
O2 GOL L . -5.92 25.35 -28.92
C3 GOL L . -5.86 25.63 -31.34
O3 GOL L . -6.47 26.32 -32.41
CA CA M . -9.55 -4.59 -7.23
CL CL N . -4.57 21.34 -15.79
CL CL O . -15.16 -6.84 -17.73
C1 GOL P . -0.05 19.87 -21.71
O1 GOL P . 0.99 20.28 -22.57
C2 GOL P . 0.25 18.45 -21.32
O2 GOL P . -0.19 18.22 -19.99
C3 GOL P . -0.42 17.58 -22.38
O3 GOL P . 0.50 17.12 -23.35
CA CA Q . 9.45 -5.35 -6.19
CA CA R . 10.19 -4.35 5.80
CL CL S . 4.19 -21.57 15.74
CL CL T . 15.23 -14.02 -11.57
CA CA U . -8.06 -9.29 3.91
CL CL V . -11.04 -20.57 5.97
C1 GOL W . -0.32 -13.67 -0.48
O1 GOL W . -1.01 -12.60 -1.06
C2 GOL W . 1.13 -13.26 -0.28
O2 GOL W . 1.68 -14.09 0.70
C3 GOL W . 1.95 -13.35 -1.57
O3 GOL W . 1.22 -12.97 -2.71
CL CL X . -1.00 -6.72 45.01
CL CL Y . -0.61 15.89 21.92
C1 GOL Z . 2.53 3.31 10.55
O1 GOL Z . 2.44 2.32 9.56
C2 GOL Z . 1.16 3.71 11.02
O2 GOL Z . 1.18 3.52 12.42
C3 GOL Z . 0.94 5.15 10.51
O3 GOL Z . -0.35 5.72 10.76
C1 GOL AA . 3.17 23.02 18.04
O1 GOL AA . 3.26 23.33 16.66
C2 GOL AA . 4.09 21.89 18.43
O2 GOL AA . 3.30 20.78 18.83
C3 GOL AA . 5.11 21.55 17.33
O3 GOL AA . 6.15 20.71 17.82
C1 GOL BA . -7.08 8.98 27.07
O1 GOL BA . -6.42 8.68 28.28
C2 GOL BA . -6.12 9.61 26.08
O2 GOL BA . -6.88 10.26 25.08
C3 GOL BA . -5.18 10.58 26.81
O3 GOL BA . -4.48 11.44 25.94
CA CA CA . -9.28 1.72 9.02
CL CL DA . -2.34 -4.76 42.76
CL CL EA . 10.62 -7.40 43.46
CA CA FA . 8.16 7.69 4.96
C1 GOL GA . -11.35 23.99 -10.67
O1 GOL GA . -11.98 23.52 -9.50
C2 GOL GA . -9.91 24.38 -10.38
O2 GOL GA . -9.13 24.05 -11.51
C3 GOL GA . -9.82 25.89 -10.08
O3 GOL GA . -9.00 26.14 -8.94
CA CA HA . -10.71 6.58 -2.49
#